data_1NPY
#
_entry.id   1NPY
#
_cell.length_a   90.578
_cell.length_b   66.575
_cell.length_c   96.916
_cell.angle_alpha   90.00
_cell.angle_beta   109.56
_cell.angle_gamma   90.00
#
_symmetry.space_group_name_H-M   'P 1 21 1'
#
loop_
_entity.id
_entity.type
_entity.pdbx_description
1 polymer 'Hypothetical shikimate 5-dehydrogenase-like protein HI0607'
2 non-polymer 'ACETYL GROUP'
3 water water
#
_entity_poly.entity_id   1
_entity_poly.type   'polypeptide(L)'
_entity_poly.pdbx_seq_one_letter_code
;MINKDTQLCMSLSGRPSNFGTTFHNYLYDKLGLNFIYKAFTTQDIEHAIKGVRALGIRGCAVSMPFKETCMPFLDEIHPS
AQAIESVNTIVNDNGFLRAYNTDYIAIVKLIEKYHLNKNAKVIVHGSGGMAKAVVAAFKNSGFEKLKIYARNVKTGQYLA
ALYGYAYINSLENQQADILVNVTSIGMKGGKEEMDLAFPKAFIDNASVAFDVVAMPVETPFIRYAQARGKQTISGAAVIV
LQAVEQFELYTHQRPSDELIAEAAAFARTKF
;
_entity_poly.pdbx_strand_id   A,B,C,D
#
loop_
_chem_comp.id
_chem_comp.type
_chem_comp.name
_chem_comp.formula
ACE non-polymer 'ACETYL GROUP' 'C2 H4 O'
#
# COMPACT_ATOMS: atom_id res chain seq x y z
N MET A 1 45.75 41.55 -20.73
CA MET A 1 46.81 42.36 -20.05
C MET A 1 46.44 42.62 -18.57
N ILE A 2 46.98 41.79 -17.68
CA ILE A 2 46.61 41.83 -16.26
C ILE A 2 47.09 43.13 -15.61
N ASN A 3 46.26 43.71 -14.76
CA ASN A 3 46.65 44.84 -13.94
C ASN A 3 46.22 44.61 -12.51
N LYS A 4 46.60 45.54 -11.64
CA LYS A 4 46.26 45.40 -10.23
C LYS A 4 44.76 45.32 -9.95
N ASP A 5 43.94 45.82 -10.85
CA ASP A 5 42.50 45.87 -10.63
C ASP A 5 41.78 44.67 -11.24
N THR A 6 42.53 43.82 -11.93
CA THR A 6 41.93 42.63 -12.54
C THR A 6 41.39 41.76 -11.41
N GLN A 7 40.15 41.29 -11.58
CA GLN A 7 39.56 40.39 -10.59
C GLN A 7 39.91 38.94 -10.91
N LEU A 8 40.26 38.16 -9.89
CA LEU A 8 40.50 36.72 -10.08
C LEU A 8 39.25 35.93 -9.71
N CYS A 9 38.82 35.06 -10.62
CA CYS A 9 37.85 34.05 -10.32
C CYS A 9 38.57 32.71 -10.50
N MET A 10 38.04 31.70 -9.84
CA MET A 10 38.80 30.46 -9.71
C MET A 10 37.95 29.24 -9.42
N SER A 11 38.62 28.08 -9.36
CA SER A 11 37.94 26.87 -8.92
C SER A 11 38.88 26.12 -7.95
N LEU A 12 38.27 25.29 -7.12
CA LEU A 12 38.99 24.39 -6.22
C LEU A 12 38.45 22.99 -6.41
N SER A 13 39.34 22.03 -6.67
CA SER A 13 38.95 20.63 -6.87
C SER A 13 40.15 19.76 -6.50
N GLY A 14 39.86 18.50 -6.21
CA GLY A 14 40.92 17.54 -5.92
C GLY A 14 41.66 17.18 -7.20
N ARG A 15 40.97 17.26 -8.33
CA ARG A 15 41.54 16.95 -9.64
C ARG A 15 41.10 18.02 -10.64
N PRO A 16 41.83 19.13 -10.67
CA PRO A 16 41.46 20.22 -11.58
C PRO A 16 41.39 19.82 -13.05
N SER A 17 40.40 20.42 -13.70
CA SER A 17 40.20 20.32 -15.13
C SER A 17 40.59 21.65 -15.79
N ASN A 18 40.74 21.61 -17.11
CA ASN A 18 41.00 22.83 -17.87
C ASN A 18 39.76 23.49 -18.43
N PHE A 19 38.61 22.87 -18.24
CA PHE A 19 37.38 23.38 -18.87
C PHE A 19 37.12 24.82 -18.46
N GLY A 20 36.99 25.10 -17.17
CA GLY A 20 36.60 26.43 -16.73
C GLY A 20 37.63 27.50 -17.04
N THR A 21 38.90 27.20 -16.85
CA THR A 21 39.98 28.14 -17.19
C THR A 21 39.90 28.53 -18.67
N THR A 22 39.65 27.57 -19.54
CA THR A 22 39.52 27.89 -20.97
C THR A 22 38.29 28.74 -21.29
N PHE A 23 37.16 28.29 -20.76
CA PHE A 23 35.82 28.82 -21.02
C PHE A 23 35.69 30.22 -20.45
N HIS A 24 35.98 30.39 -19.17
CA HIS A 24 35.79 31.73 -18.57
C HIS A 24 36.72 32.80 -19.15
N ASN A 25 38.00 32.45 -19.34
CA ASN A 25 38.95 33.40 -19.89
C ASN A 25 38.59 33.83 -21.32
N TYR A 26 38.09 32.90 -22.12
CA TYR A 26 37.59 33.27 -23.44
C TYR A 26 36.49 34.33 -23.36
N LEU A 27 35.53 34.08 -22.49
CA LEU A 27 34.42 35.03 -22.34
C LEU A 27 34.87 36.36 -21.76
N TYR A 28 35.79 36.40 -20.79
CA TYR A 28 36.28 37.70 -20.32
C TYR A 28 36.86 38.53 -21.45
N ASP A 29 37.63 37.88 -22.31
CA ASP A 29 38.20 38.55 -23.44
C ASP A 29 37.12 39.12 -24.36
N LYS A 30 36.16 38.29 -24.75
CA LYS A 30 35.12 38.67 -25.69
C LYS A 30 34.23 39.78 -25.15
N LEU A 31 34.01 39.81 -23.84
CA LEU A 31 33.13 40.79 -23.21
C LEU A 31 33.83 42.04 -22.65
N GLY A 32 35.15 42.12 -22.81
CA GLY A 32 35.90 43.26 -22.32
C GLY A 32 35.91 43.39 -20.81
N LEU A 33 35.92 42.26 -20.12
CA LEU A 33 35.96 42.23 -18.66
C LEU A 33 37.36 42.05 -18.09
N ASN A 34 37.68 42.89 -17.11
CA ASN A 34 38.99 42.84 -16.48
C ASN A 34 39.05 41.82 -15.35
N PHE A 35 39.04 40.57 -15.80
CA PHE A 35 38.91 39.36 -14.98
C PHE A 35 39.88 38.34 -15.60
N ILE A 36 40.41 37.46 -14.75
CA ILE A 36 41.09 36.23 -15.13
C ILE A 36 40.58 35.07 -14.30
N TYR A 37 40.67 33.86 -14.86
CA TYR A 37 40.22 32.66 -14.19
C TYR A 37 41.36 31.64 -14.13
N LYS A 38 41.51 30.98 -12.98
CA LYS A 38 42.42 29.83 -12.90
C LYS A 38 41.90 28.75 -11.96
N ALA A 39 42.09 27.49 -12.34
CA ALA A 39 41.86 26.37 -11.45
C ALA A 39 43.00 26.19 -10.46
N PHE A 40 42.61 25.87 -9.23
CA PHE A 40 43.54 25.59 -8.14
C PHE A 40 43.17 24.28 -7.48
N THR A 41 44.07 23.74 -6.66
CA THR A 41 43.75 22.64 -5.77
C THR A 41 44.26 23.00 -4.37
N THR A 42 43.89 22.17 -3.42
CA THR A 42 44.27 22.37 -2.03
C THR A 42 44.09 21.07 -1.27
N GLN A 43 44.84 20.99 -0.18
CA GLN A 43 44.63 19.93 0.82
C GLN A 43 44.15 20.52 2.14
N ASP A 44 43.73 21.78 2.13
CA ASP A 44 43.23 22.45 3.32
C ASP A 44 42.09 23.40 2.98
N ILE A 45 40.89 22.85 2.82
CA ILE A 45 39.71 23.62 2.40
C ILE A 45 39.48 24.82 3.32
N GLU A 46 39.67 24.63 4.63
CA GLU A 46 39.48 25.74 5.55
C GLU A 46 40.27 26.98 5.18
N HIS A 47 41.57 26.82 4.99
CA HIS A 47 42.42 27.99 4.70
C HIS A 47 42.35 28.41 3.25
N ALA A 48 41.92 27.50 2.37
CA ALA A 48 41.63 27.90 0.99
C ALA A 48 40.46 28.87 0.93
N ILE A 49 39.38 28.58 1.64
CA ILE A 49 38.17 29.40 1.63
C ILE A 49 38.46 30.69 2.38
N LYS A 50 39.09 30.59 3.54
CA LYS A 50 39.49 31.81 4.25
C LYS A 50 40.44 32.67 3.42
N GLY A 51 41.26 32.06 2.56
CA GLY A 51 42.12 32.73 1.60
C GLY A 51 41.38 33.49 0.51
N VAL A 52 40.33 32.88 -0.03
CA VAL A 52 39.49 33.49 -1.06
C VAL A 52 38.97 34.79 -0.48
N ARG A 53 38.45 34.76 0.74
CA ARG A 53 37.97 36.00 1.37
C ARG A 53 39.08 37.04 1.62
N ALA A 54 40.20 36.62 2.22
CA ALA A 54 41.25 37.53 2.63
C ALA A 54 41.94 38.21 1.45
N LEU A 55 42.02 37.50 0.34
CA LEU A 55 42.70 38.01 -0.85
C LEU A 55 41.78 38.76 -1.79
N GLY A 56 40.49 38.82 -1.45
CA GLY A 56 39.54 39.52 -2.29
C GLY A 56 39.31 38.85 -3.63
N ILE A 57 39.43 37.53 -3.70
CA ILE A 57 39.12 36.76 -4.89
C ILE A 57 37.59 36.82 -5.08
N ARG A 58 37.11 37.09 -6.28
CA ARG A 58 35.70 37.37 -6.52
C ARG A 58 34.78 36.17 -6.53
N GLY A 59 35.26 35.08 -7.10
CA GLY A 59 34.37 33.97 -7.40
C GLY A 59 35.15 32.67 -7.32
N CYS A 60 34.54 31.63 -6.76
CA CYS A 60 35.22 30.32 -6.71
C CYS A 60 34.25 29.16 -6.95
N ALA A 61 34.52 28.40 -8.00
CA ALA A 61 33.81 27.15 -8.23
C ALA A 61 34.36 26.10 -7.27
N VAL A 62 33.49 25.23 -6.82
CA VAL A 62 33.83 24.16 -5.88
C VAL A 62 33.43 22.82 -6.47
N SER A 63 34.42 21.94 -6.55
CA SER A 63 34.23 20.57 -7.02
C SER A 63 34.54 19.56 -5.93
N MET A 64 34.34 18.28 -6.24
CA MET A 64 34.75 17.21 -5.34
C MET A 64 36.24 17.38 -4.98
N PRO A 65 36.66 17.11 -3.75
CA PRO A 65 35.81 16.66 -2.65
C PRO A 65 35.42 17.71 -1.61
N PHE A 66 35.11 18.91 -2.07
CA PHE A 66 34.94 20.07 -1.20
C PHE A 66 33.54 20.65 -1.17
N LYS A 67 32.55 20.04 -1.84
CA LYS A 67 31.26 20.68 -2.04
C LYS A 67 30.46 20.75 -0.74
N GLU A 68 30.75 19.83 0.18
CA GLU A 68 30.19 19.96 1.52
C GLU A 68 31.14 20.51 2.59
N THR A 69 32.41 20.10 2.51
CA THR A 69 33.39 20.58 3.49
C THR A 69 33.68 22.08 3.45
N CYS A 70 33.42 22.76 2.32
CA CYS A 70 33.56 24.19 2.28
C CYS A 70 32.50 24.94 3.10
N MET A 71 31.37 24.31 3.38
CA MET A 71 30.19 25.04 3.81
C MET A 71 30.33 25.73 5.18
N PRO A 72 31.01 25.13 6.14
CA PRO A 72 31.22 25.78 7.45
C PRO A 72 31.93 27.13 7.38
N PHE A 73 32.58 27.39 6.25
CA PHE A 73 33.42 28.56 6.12
C PHE A 73 32.77 29.69 5.34
N LEU A 74 31.53 29.48 4.90
CA LEU A 74 30.81 30.45 4.09
C LEU A 74 29.83 31.23 4.96
N ASP A 75 29.47 32.40 4.46
CA ASP A 75 28.63 33.31 5.21
C ASP A 75 27.12 33.15 5.00
N GLU A 76 26.70 32.75 3.81
CA GLU A 76 25.28 32.67 3.50
C GLU A 76 25.02 31.64 2.41
N ILE A 77 24.26 30.61 2.75
CA ILE A 77 23.97 29.52 1.82
C ILE A 77 22.63 29.85 1.18
N HIS A 78 22.67 30.13 -0.11
CA HIS A 78 21.46 30.41 -0.88
C HIS A 78 20.63 29.18 -1.19
N PRO A 79 19.36 29.37 -1.56
CA PRO A 79 18.41 28.25 -1.69
C PRO A 79 18.83 27.14 -2.64
N SER A 80 19.52 27.50 -3.72
CA SER A 80 20.01 26.45 -4.61
C SER A 80 20.95 25.45 -3.92
N ALA A 81 21.83 25.95 -3.06
CA ALA A 81 22.75 25.10 -2.32
C ALA A 81 22.03 24.46 -1.13
N GLN A 82 21.05 25.16 -0.54
CA GLN A 82 20.28 24.58 0.55
C GLN A 82 19.44 23.39 0.10
N ALA A 83 18.99 23.41 -1.14
CA ALA A 83 18.06 22.43 -1.68
C ALA A 83 18.66 21.02 -1.70
N ILE A 84 19.99 20.96 -1.81
CA ILE A 84 20.72 19.71 -1.83
C ILE A 84 21.90 19.65 -0.86
N GLU A 85 22.00 20.63 0.03
CA GLU A 85 23.06 20.75 1.02
C GLU A 85 24.45 20.50 0.42
N SER A 86 24.72 21.20 -0.67
CA SER A 86 25.98 21.04 -1.39
C SER A 86 26.23 22.32 -2.17
N VAL A 87 27.45 22.83 -2.17
CA VAL A 87 27.84 24.08 -2.80
C VAL A 87 28.79 23.82 -3.97
N ASN A 88 28.53 24.45 -5.11
CA ASN A 88 29.49 24.38 -6.22
C ASN A 88 29.95 25.77 -6.68
N THR A 89 29.51 26.81 -6.00
CA THR A 89 29.79 28.19 -6.40
C THR A 89 29.86 29.11 -5.19
N ILE A 90 30.92 29.89 -5.06
CA ILE A 90 31.02 30.92 -4.03
C ILE A 90 31.24 32.27 -4.70
N VAL A 91 30.49 33.28 -4.26
CA VAL A 91 30.66 34.64 -4.72
C VAL A 91 31.03 35.49 -3.51
N ASN A 92 32.15 36.17 -3.62
CA ASN A 92 32.64 37.07 -2.61
C ASN A 92 32.17 38.51 -2.80
N ASP A 93 31.20 38.92 -1.99
CA ASP A 93 30.66 40.27 -1.98
C ASP A 93 31.30 41.07 -0.83
N ASN A 94 32.39 41.78 -1.10
CA ASN A 94 33.13 42.54 -0.09
C ASN A 94 33.46 41.81 1.20
N GLY A 95 33.89 40.57 1.05
CA GLY A 95 34.24 39.73 2.17
C GLY A 95 33.13 38.82 2.66
N PHE A 96 31.91 38.91 2.14
CA PHE A 96 30.75 38.14 2.57
C PHE A 96 30.57 37.07 1.50
N LEU A 97 30.86 35.82 1.85
CA LEU A 97 30.82 34.72 0.90
C LEU A 97 29.45 34.07 0.82
N ARG A 98 28.83 34.21 -0.35
CA ARG A 98 27.51 33.68 -0.64
C ARG A 98 27.69 32.42 -1.52
N ALA A 99 26.92 31.40 -1.16
CA ALA A 99 27.08 30.06 -1.72
C ALA A 99 25.84 29.70 -2.53
N TYR A 100 26.06 29.09 -3.71
CA TYR A 100 25.02 28.65 -4.63
C TYR A 100 25.34 27.26 -5.17
N ASN A 101 24.32 26.64 -5.77
CA ASN A 101 24.57 25.42 -6.52
C ASN A 101 24.00 25.58 -7.93
N THR A 102 24.89 25.86 -8.88
CA THR A 102 24.47 26.08 -10.26
C THR A 102 24.19 24.80 -11.03
N ASP A 103 24.57 23.63 -10.53
CA ASP A 103 24.05 22.40 -11.12
C ASP A 103 22.53 22.31 -10.92
N TYR A 104 22.07 22.55 -9.70
CA TYR A 104 20.65 22.61 -9.39
C TYR A 104 19.97 23.68 -10.25
N ILE A 105 20.52 24.89 -10.30
CA ILE A 105 19.94 25.97 -11.09
C ILE A 105 19.84 25.55 -12.56
N ALA A 106 20.91 24.97 -13.10
CA ALA A 106 20.92 24.55 -14.50
C ALA A 106 19.83 23.52 -14.80
N ILE A 107 19.58 22.60 -13.88
CA ILE A 107 18.64 21.54 -14.15
C ILE A 107 17.22 22.12 -14.14
N VAL A 108 16.96 23.00 -13.18
CA VAL A 108 15.68 23.72 -13.12
C VAL A 108 15.46 24.51 -14.42
N LYS A 109 16.48 25.22 -14.87
CA LYS A 109 16.42 25.94 -16.14
C LYS A 109 16.16 25.09 -17.37
N LEU A 110 16.80 23.92 -17.46
CA LEU A 110 16.56 23.02 -18.58
C LEU A 110 15.17 22.37 -18.58
N ILE A 111 14.64 22.10 -17.39
CA ILE A 111 13.28 21.57 -17.27
C ILE A 111 12.35 22.59 -17.89
N GLU A 112 12.54 23.84 -17.52
CA GLU A 112 11.75 24.93 -18.09
C GLU A 112 11.99 25.10 -19.59
N LYS A 113 13.26 25.17 -19.99
CA LYS A 113 13.60 25.39 -21.39
C LYS A 113 12.94 24.39 -22.34
N TYR A 114 12.94 23.13 -21.94
CA TYR A 114 12.37 22.05 -22.74
C TYR A 114 10.87 21.85 -22.48
N HIS A 115 10.28 22.73 -21.68
CA HIS A 115 8.85 22.69 -21.35
C HIS A 115 8.42 21.30 -20.90
N LEU A 116 9.19 20.71 -19.98
CA LEU A 116 8.83 19.38 -19.52
C LEU A 116 7.55 19.53 -18.71
N ASN A 117 6.68 18.54 -18.85
CA ASN A 117 5.32 18.52 -18.32
C ASN A 117 5.34 17.98 -16.90
N LYS A 118 5.06 18.81 -15.89
CA LYS A 118 5.10 18.37 -14.50
C LYS A 118 4.15 17.21 -14.17
N ASN A 119 3.19 16.93 -15.05
CA ASN A 119 2.29 15.81 -14.85
C ASN A 119 2.84 14.49 -15.37
N ALA A 120 3.97 14.56 -16.07
CA ALA A 120 4.60 13.37 -16.64
C ALA A 120 5.29 12.53 -15.58
N LYS A 121 5.38 11.24 -15.83
CA LYS A 121 6.06 10.28 -14.97
C LYS A 121 7.56 10.29 -15.29
N VAL A 122 8.36 10.50 -14.24
CA VAL A 122 9.82 10.56 -14.36
C VAL A 122 10.46 9.34 -13.69
N ILE A 123 11.49 8.76 -14.30
CA ILE A 123 12.38 7.82 -13.63
C ILE A 123 13.81 8.32 -13.72
N VAL A 124 14.45 8.47 -12.56
CA VAL A 124 15.87 8.79 -12.46
C VAL A 124 16.66 7.51 -12.18
N HIS A 125 17.59 7.15 -13.06
CA HIS A 125 18.50 6.04 -12.85
C HIS A 125 19.77 6.59 -12.22
N GLY A 126 19.99 6.24 -10.97
CA GLY A 126 21.20 6.58 -10.24
C GLY A 126 20.89 7.24 -8.92
N SER A 127 21.87 7.24 -8.01
CA SER A 127 21.66 7.76 -6.67
C SER A 127 22.81 8.65 -6.23
N GLY A 128 23.75 8.85 -7.14
CA GLY A 128 24.99 9.55 -6.86
C GLY A 128 25.20 10.61 -7.91
N GLY A 129 26.33 11.30 -7.80
CA GLY A 129 26.70 12.35 -8.72
C GLY A 129 25.60 13.39 -8.63
N MET A 130 24.98 13.61 -9.78
CA MET A 130 24.05 14.70 -9.91
C MET A 130 22.66 14.27 -9.49
N ALA A 131 22.48 13.06 -8.96
CA ALA A 131 21.14 12.56 -8.64
C ALA A 131 20.37 13.52 -7.75
N LYS A 132 21.01 13.97 -6.67
CA LYS A 132 20.31 14.81 -5.72
C LYS A 132 19.85 16.11 -6.37
N ALA A 133 20.71 16.76 -7.15
CA ALA A 133 20.38 17.99 -7.87
C ALA A 133 19.24 17.76 -8.85
N VAL A 134 19.27 16.66 -9.58
CA VAL A 134 18.18 16.31 -10.50
C VAL A 134 16.84 16.10 -9.77
N VAL A 135 16.85 15.26 -8.73
CA VAL A 135 15.64 14.94 -8.00
C VAL A 135 15.04 16.20 -7.38
N ALA A 136 15.90 17.03 -6.80
CA ALA A 136 15.42 18.26 -6.16
C ALA A 136 14.88 19.27 -7.14
N ALA A 137 15.53 19.34 -8.30
CA ALA A 137 15.08 20.25 -9.35
C ALA A 137 13.71 19.85 -9.87
N PHE A 138 13.50 18.55 -10.05
CA PHE A 138 12.16 18.11 -10.45
C PHE A 138 11.12 18.39 -9.37
N LYS A 139 11.48 18.18 -8.12
CA LYS A 139 10.53 18.31 -7.02
C LYS A 139 10.15 19.78 -6.94
N ASN A 140 11.14 20.66 -6.99
CA ASN A 140 10.82 22.07 -6.82
C ASN A 140 10.22 22.71 -8.06
N SER A 141 10.20 21.97 -9.17
CA SER A 141 9.49 22.36 -10.37
C SER A 141 8.06 21.80 -10.42
N GLY A 142 7.65 21.11 -9.36
CA GLY A 142 6.27 20.67 -9.22
C GLY A 142 5.95 19.28 -9.71
N PHE A 143 6.98 18.46 -9.93
CA PHE A 143 6.76 17.11 -10.41
C PHE A 143 6.51 16.24 -9.19
N GLU A 144 5.35 15.57 -9.21
CA GLU A 144 5.01 14.67 -8.12
C GLU A 144 5.21 13.22 -8.49
N LYS A 145 5.39 12.89 -9.77
CA LYS A 145 5.44 11.49 -10.15
C LYS A 145 6.85 11.14 -10.61
N LEU A 146 7.67 10.77 -9.65
CA LEU A 146 9.09 10.46 -9.91
C LEU A 146 9.52 9.25 -9.09
N LYS A 147 10.28 8.36 -9.73
CA LYS A 147 10.79 7.19 -9.04
C LYS A 147 12.31 7.20 -9.22
N ILE A 148 13.03 6.76 -8.20
CA ILE A 148 14.47 6.65 -8.25
C ILE A 148 14.77 5.17 -8.40
N TYR A 149 15.39 4.83 -9.52
CA TYR A 149 15.89 3.50 -9.83
C TYR A 149 17.38 3.43 -9.61
N ALA A 150 17.85 2.64 -8.66
CA ALA A 150 19.27 2.67 -8.37
C ALA A 150 19.71 1.38 -7.72
N ARG A 151 20.96 1.02 -7.96
CA ARG A 151 21.50 -0.19 -7.38
C ARG A 151 21.90 -0.04 -5.90
N ASN A 152 22.26 1.16 -5.45
CA ASN A 152 22.48 1.43 -4.03
C ASN A 152 21.13 1.64 -3.34
N VAL A 153 20.64 0.60 -2.69
CA VAL A 153 19.31 0.57 -2.09
C VAL A 153 19.13 1.59 -0.97
N LYS A 154 20.11 1.74 -0.09
CA LYS A 154 19.90 2.60 1.07
C LYS A 154 19.90 4.05 0.62
N THR A 155 20.85 4.40 -0.25
CA THR A 155 20.94 5.77 -0.76
C THR A 155 19.75 6.08 -1.65
N GLY A 156 19.36 5.12 -2.49
CA GLY A 156 18.14 5.26 -3.26
C GLY A 156 16.89 5.54 -2.43
N GLN A 157 16.71 4.76 -1.37
CA GLN A 157 15.54 4.87 -0.50
C GLN A 157 15.58 6.22 0.23
N TYR A 158 16.79 6.62 0.62
CA TYR A 158 17.00 7.91 1.30
C TYR A 158 16.56 9.08 0.44
N LEU A 159 17.02 9.08 -0.81
CA LEU A 159 16.69 10.16 -1.74
C LEU A 159 15.21 10.25 -2.00
N ALA A 160 14.57 9.10 -2.25
CA ALA A 160 13.13 9.04 -2.33
C ALA A 160 12.42 9.57 -1.08
N ALA A 161 12.84 9.14 0.12
CA ALA A 161 12.21 9.59 1.35
C ALA A 161 12.42 11.09 1.58
N LEU A 162 13.60 11.58 1.22
CA LEU A 162 13.96 12.97 1.50
C LEU A 162 13.13 13.91 0.64
N TYR A 163 12.93 13.52 -0.62
CA TYR A 163 12.14 14.32 -1.55
C TYR A 163 10.70 13.85 -1.76
N GLY A 164 10.20 12.91 -0.95
CA GLY A 164 8.82 12.48 -1.08
C GLY A 164 8.45 11.74 -2.35
N TYR A 165 9.41 10.97 -2.84
CA TYR A 165 9.23 10.15 -4.03
C TYR A 165 9.32 8.67 -3.69
N ALA A 166 9.36 7.80 -4.69
CA ALA A 166 9.47 6.37 -4.43
C ALA A 166 10.77 5.81 -5.00
N TYR A 167 11.22 4.72 -4.40
CA TYR A 167 12.39 3.99 -4.82
C TYR A 167 11.98 2.66 -5.45
N ILE A 168 12.66 2.31 -6.53
CA ILE A 168 12.50 0.99 -7.16
C ILE A 168 13.87 0.34 -7.42
N ASN A 169 13.94 -0.95 -7.14
CA ASN A 169 15.18 -1.70 -7.39
C ASN A 169 15.17 -2.31 -8.79
N SER A 170 14.07 -2.20 -9.53
CA SER A 170 14.07 -2.60 -10.94
C SER A 170 12.97 -1.97 -11.80
N LEU A 171 13.13 -2.10 -13.12
CA LEU A 171 12.19 -1.50 -14.06
C LEU A 171 10.96 -2.33 -14.47
N GLU A 172 10.78 -3.51 -13.89
CA GLU A 172 9.68 -4.38 -14.27
C GLU A 172 8.32 -3.71 -14.00
N ASN A 173 7.42 -3.76 -14.99
CA ASN A 173 6.06 -3.22 -14.89
C ASN A 173 5.96 -1.70 -14.97
N GLN A 174 7.10 -1.04 -15.06
CA GLN A 174 7.15 0.41 -14.92
C GLN A 174 7.03 1.00 -16.30
N GLN A 175 6.30 2.11 -16.37
CA GLN A 175 6.30 2.99 -17.53
C GLN A 175 6.72 4.38 -17.05
N ALA A 176 7.23 5.19 -17.96
CA ALA A 176 7.65 6.54 -17.64
C ALA A 176 7.79 7.38 -18.92
N ASP A 177 7.53 8.68 -18.80
CA ASP A 177 7.62 9.61 -19.91
C ASP A 177 8.96 10.27 -20.07
N ILE A 178 9.64 10.48 -18.95
CA ILE A 178 10.91 11.17 -18.87
C ILE A 178 11.91 10.24 -18.19
N LEU A 179 12.95 9.87 -18.93
CA LEU A 179 14.01 9.03 -18.41
C LEU A 179 15.28 9.86 -18.20
N VAL A 180 15.80 9.85 -16.98
CA VAL A 180 17.00 10.63 -16.68
C VAL A 180 18.09 9.68 -16.21
N ASN A 181 19.26 9.79 -16.83
CA ASN A 181 20.42 9.00 -16.41
C ASN A 181 21.36 9.90 -15.61
N VAL A 182 21.61 9.47 -14.37
CA VAL A 182 22.61 10.08 -13.51
C VAL A 182 23.63 9.05 -13.00
N THR A 183 23.79 7.97 -13.74
CA THR A 183 24.84 6.98 -13.48
C THR A 183 26.06 7.28 -14.35
N SER A 184 27.15 6.55 -14.11
CA SER A 184 28.28 6.52 -15.03
C SER A 184 28.09 5.71 -16.32
N ILE A 185 26.92 5.10 -16.53
CA ILE A 185 26.65 4.35 -17.74
C ILE A 185 26.77 5.30 -18.93
N GLY A 186 27.48 4.89 -19.98
CA GLY A 186 27.75 5.71 -21.15
C GLY A 186 28.97 6.60 -21.10
N MET A 187 29.64 6.73 -19.95
CA MET A 187 30.77 7.64 -19.82
C MET A 187 31.99 7.10 -20.58
N LYS A 188 32.57 7.96 -21.42
CA LYS A 188 33.80 7.63 -22.14
C LYS A 188 34.86 7.14 -21.18
N GLY A 189 35.49 6.02 -21.52
CA GLY A 189 36.57 5.50 -20.69
C GLY A 189 36.11 4.61 -19.55
N GLY A 190 34.83 4.67 -19.21
CA GLY A 190 34.31 3.81 -18.18
C GLY A 190 34.04 2.39 -18.65
N LYS A 191 33.94 1.51 -17.67
CA LYS A 191 33.60 0.11 -17.92
C LYS A 191 32.19 -0.06 -18.48
N GLU A 192 31.37 0.97 -18.34
CA GLU A 192 30.02 0.90 -18.88
C GLU A 192 29.79 1.83 -20.08
N GLU A 193 30.86 2.14 -20.80
CA GLU A 193 30.79 3.08 -21.90
C GLU A 193 29.76 2.71 -22.97
N MET A 194 29.70 1.43 -23.32
CA MET A 194 28.85 0.97 -24.42
C MET A 194 27.56 0.36 -23.91
N ASP A 195 27.18 0.66 -22.67
CA ASP A 195 25.94 0.13 -22.10
C ASP A 195 24.82 1.16 -22.22
N LEU A 196 23.57 0.68 -22.29
CA LEU A 196 22.37 1.53 -22.22
C LEU A 196 21.98 1.87 -20.78
N ALA A 197 21.69 3.15 -20.54
CA ALA A 197 21.26 3.59 -19.23
C ALA A 197 19.83 3.19 -18.92
N PHE A 198 19.04 2.95 -19.96
CA PHE A 198 17.69 2.39 -19.87
C PHE A 198 17.55 1.40 -21.03
N PRO A 199 16.73 0.35 -20.85
CA PRO A 199 16.42 -0.58 -21.94
C PRO A 199 15.72 0.07 -23.14
N LYS A 200 15.97 -0.44 -24.34
CA LYS A 200 15.32 0.07 -25.54
C LYS A 200 13.80 0.14 -25.41
N ALA A 201 13.19 -0.90 -24.86
CA ALA A 201 11.73 -0.93 -24.72
C ALA A 201 11.22 0.23 -23.88
N PHE A 202 12.01 0.59 -22.88
CA PHE A 202 11.67 1.72 -22.05
C PHE A 202 11.78 3.07 -22.77
N ILE A 203 12.89 3.24 -23.47
CA ILE A 203 13.12 4.44 -24.28
C ILE A 203 12.02 4.58 -25.33
N ASP A 204 11.62 3.48 -25.96
CA ASP A 204 10.58 3.50 -26.99
C ASP A 204 9.29 4.11 -26.46
N ASN A 205 8.99 3.78 -25.20
CA ASN A 205 7.75 4.16 -24.53
C ASN A 205 7.80 5.52 -23.85
N ALA A 206 8.97 6.13 -23.85
CA ALA A 206 9.16 7.43 -23.20
C ALA A 206 9.04 8.51 -24.26
N SER A 207 9.00 9.77 -23.83
CA SER A 207 8.99 10.92 -24.73
C SER A 207 10.28 11.74 -24.64
N VAL A 208 10.99 11.63 -23.53
CA VAL A 208 12.17 12.48 -23.26
C VAL A 208 13.31 11.66 -22.64
N ALA A 209 14.51 11.81 -23.21
CA ALA A 209 15.71 11.16 -22.70
C ALA A 209 16.71 12.21 -22.25
N PHE A 210 17.02 12.28 -20.96
CA PHE A 210 17.89 13.29 -20.37
C PHE A 210 19.08 12.57 -19.74
N ASP A 211 20.24 12.72 -20.36
CA ASP A 211 21.43 12.00 -19.89
C ASP A 211 22.36 13.09 -19.36
N VAL A 212 22.70 12.97 -18.10
CA VAL A 212 23.64 13.90 -17.48
C VAL A 212 25.08 13.61 -17.87
N VAL A 213 25.37 12.43 -18.40
CA VAL A 213 26.70 12.16 -18.94
C VAL A 213 26.98 13.12 -20.09
N ALA A 214 28.14 13.76 -20.05
CA ALA A 214 28.50 14.81 -21.01
C ALA A 214 29.52 14.40 -22.05
N MET A 215 30.29 13.35 -21.79
CA MET A 215 31.31 12.87 -22.73
C MET A 215 31.16 11.35 -22.84
N PRO A 216 30.77 10.85 -24.01
CA PRO A 216 30.40 11.64 -25.19
C PRO A 216 29.01 12.21 -25.04
N VAL A 217 28.59 13.15 -25.88
CA VAL A 217 27.18 13.54 -25.94
C VAL A 217 26.34 12.33 -26.35
N GLU A 218 26.80 11.65 -27.40
CA GLU A 218 26.01 10.57 -27.98
C GLU A 218 26.33 9.28 -27.23
N THR A 219 25.84 9.18 -25.99
CA THR A 219 25.84 7.89 -25.28
C THR A 219 24.90 6.89 -25.97
N PRO A 220 24.99 5.58 -25.69
CA PRO A 220 24.02 4.66 -26.28
C PRO A 220 22.57 5.02 -26.00
N PHE A 221 22.28 5.51 -24.80
CA PHE A 221 20.95 5.98 -24.40
C PHE A 221 20.47 7.12 -25.29
N ILE A 222 21.28 8.17 -25.41
CA ILE A 222 20.92 9.33 -26.22
C ILE A 222 20.79 8.97 -27.69
N ARG A 223 21.75 8.21 -28.21
CA ARG A 223 21.71 7.80 -29.61
C ARG A 223 20.46 7.02 -29.96
N TYR A 224 20.10 6.05 -29.11
CA TYR A 224 18.86 5.29 -29.34
C TYR A 224 17.62 6.18 -29.24
N ALA A 225 17.57 7.08 -28.26
CA ALA A 225 16.45 8.01 -28.19
C ALA A 225 16.31 8.82 -29.48
N GLN A 226 17.44 9.29 -30.01
CA GLN A 226 17.43 10.03 -31.26
C GLN A 226 16.98 9.18 -32.44
N ALA A 227 17.37 7.91 -32.44
CA ALA A 227 16.97 6.98 -33.49
C ALA A 227 15.49 6.66 -33.45
N ARG A 228 14.84 6.92 -32.31
CA ARG A 228 13.41 6.73 -32.16
C ARG A 228 12.66 8.07 -32.17
N GLY A 229 13.34 9.18 -32.43
CA GLY A 229 12.71 10.47 -32.56
C GLY A 229 12.18 11.08 -31.27
N LYS A 230 12.84 10.75 -30.16
CA LYS A 230 12.44 11.27 -28.86
C LYS A 230 13.19 12.60 -28.62
N GLN A 231 12.69 13.42 -27.69
CA GLN A 231 13.37 14.63 -27.28
C GLN A 231 14.58 14.22 -26.43
N THR A 232 15.73 14.84 -26.66
CA THR A 232 16.89 14.59 -25.82
C THR A 232 17.51 15.86 -25.23
N ILE A 233 18.03 15.68 -24.01
CA ILE A 233 18.78 16.68 -23.26
C ILE A 233 20.10 16.02 -22.85
N SER A 234 21.23 16.64 -23.18
CA SER A 234 22.54 16.00 -23.05
C SER A 234 23.28 16.65 -21.90
N GLY A 235 24.26 15.96 -21.32
CA GLY A 235 24.99 16.46 -20.18
C GLY A 235 25.85 17.67 -20.49
N ALA A 236 26.20 17.83 -21.76
CA ALA A 236 26.96 18.99 -22.19
C ALA A 236 26.19 20.27 -21.92
N ALA A 237 24.89 20.25 -22.18
CA ALA A 237 24.05 21.40 -21.86
C ALA A 237 24.09 21.76 -20.37
N VAL A 238 24.13 20.74 -19.50
CA VAL A 238 24.23 20.95 -18.07
C VAL A 238 25.56 21.62 -17.73
N ILE A 239 26.66 21.09 -18.24
CA ILE A 239 27.98 21.63 -17.86
C ILE A 239 28.11 23.07 -18.31
N VAL A 240 27.65 23.33 -19.53
CA VAL A 240 27.73 24.68 -20.04
C VAL A 240 26.84 25.67 -19.27
N LEU A 241 25.60 25.30 -18.98
CA LEU A 241 24.68 26.24 -18.34
C LEU A 241 25.12 26.47 -16.90
N GLN A 242 25.59 25.44 -16.21
CA GLN A 242 26.04 25.66 -14.84
C GLN A 242 27.23 26.61 -14.79
N ALA A 243 28.10 26.54 -15.79
CA ALA A 243 29.24 27.47 -15.90
C ALA A 243 28.83 28.90 -16.23
N VAL A 244 27.92 29.02 -17.19
CA VAL A 244 27.29 30.31 -17.52
C VAL A 244 26.69 30.98 -16.29
N GLU A 245 25.98 30.22 -15.46
CA GLU A 245 25.33 30.79 -14.28
C GLU A 245 26.39 31.30 -13.30
N GLN A 246 27.48 30.57 -13.14
CA GLN A 246 28.62 31.06 -12.36
C GLN A 246 29.16 32.35 -12.95
N PHE A 247 29.35 32.36 -14.27
CA PHE A 247 29.94 33.53 -14.92
C PHE A 247 29.10 34.77 -14.64
N GLU A 248 27.78 34.59 -14.73
CA GLU A 248 26.84 35.68 -14.52
C GLU A 248 26.85 36.13 -13.04
N LEU A 249 26.97 35.18 -12.12
CA LEU A 249 27.08 35.54 -10.72
C LEU A 249 28.34 36.39 -10.45
N TYR A 250 29.44 36.00 -11.06
CA TYR A 250 30.70 36.68 -10.75
C TYR A 250 30.80 38.07 -11.40
N THR A 251 30.34 38.20 -12.65
CA THR A 251 30.61 39.38 -13.47
C THR A 251 29.41 40.34 -13.63
N HIS A 252 28.23 39.84 -13.31
CA HIS A 252 26.96 40.52 -13.57
C HIS A 252 26.61 40.71 -15.03
N GLN A 253 27.20 39.89 -15.89
CA GLN A 253 26.85 39.80 -17.31
C GLN A 253 26.57 38.37 -17.73
N ARG A 254 25.44 38.19 -18.42
CA ARG A 254 25.09 36.93 -19.07
C ARG A 254 25.58 37.04 -20.51
N PRO A 255 26.52 36.18 -20.92
CA PRO A 255 26.94 36.23 -22.32
C PRO A 255 25.81 35.78 -23.21
N SER A 256 25.82 36.27 -24.44
CA SER A 256 24.87 35.87 -25.47
C SER A 256 24.99 34.38 -25.78
N ASP A 257 23.92 33.84 -26.33
CA ASP A 257 23.90 32.44 -26.74
C ASP A 257 24.99 32.19 -27.77
N GLU A 258 25.23 33.15 -28.66
CA GLU A 258 26.26 32.97 -29.68
C GLU A 258 27.64 32.87 -29.05
N LEU A 259 27.94 33.74 -28.09
CA LEU A 259 29.24 33.64 -27.46
C LEU A 259 29.36 32.40 -26.58
N ILE A 260 28.28 31.99 -25.91
CA ILE A 260 28.39 30.77 -25.11
C ILE A 260 28.76 29.58 -25.99
N ALA A 261 28.13 29.47 -27.17
CA ALA A 261 28.42 28.35 -28.06
C ALA A 261 29.87 28.39 -28.53
N GLU A 262 30.40 29.57 -28.85
CA GLU A 262 31.81 29.66 -29.23
C GLU A 262 32.74 29.29 -28.09
N ALA A 263 32.43 29.75 -26.89
CA ALA A 263 33.21 29.42 -25.70
C ALA A 263 33.21 27.92 -25.40
N ALA A 264 32.05 27.29 -25.54
CA ALA A 264 31.87 25.87 -25.26
C ALA A 264 32.69 25.07 -26.27
N ALA A 265 32.69 25.53 -27.53
CA ALA A 265 33.44 24.86 -28.59
C ALA A 265 34.95 25.03 -28.38
N PHE A 266 35.33 26.19 -27.85
CA PHE A 266 36.72 26.53 -27.58
C PHE A 266 37.27 25.65 -26.46
N ALA A 267 36.40 25.32 -25.51
CA ALA A 267 36.74 24.58 -24.30
C ALA A 267 36.55 23.07 -24.43
N ARG A 268 35.90 22.59 -25.47
CA ARG A 268 35.77 21.14 -25.58
C ARG A 268 37.09 20.59 -26.14
N THR A 269 37.78 21.42 -26.91
CA THR A 269 39.03 21.09 -27.59
C THR A 269 40.13 20.68 -26.60
N MET B 1 -50.35 -36.36 21.30
CA MET B 1 -51.47 -37.02 20.54
C MET B 1 -51.80 -36.24 19.27
N ILE B 2 -51.19 -36.69 18.17
CA ILE B 2 -51.32 -36.00 16.90
C ILE B 2 -52.78 -36.06 16.46
N ASN B 3 -53.27 -34.98 15.86
CA ASN B 3 -54.58 -34.93 15.23
C ASN B 3 -54.53 -34.25 13.87
N LYS B 4 -55.64 -34.22 13.15
CA LYS B 4 -55.67 -33.64 11.82
C LYS B 4 -55.30 -32.16 11.78
N ASP B 5 -55.49 -31.47 12.90
CA ASP B 5 -55.16 -30.06 12.98
C ASP B 5 -53.75 -29.75 13.48
N THR B 6 -52.98 -30.78 13.85
CA THR B 6 -51.59 -30.56 14.25
C THR B 6 -50.80 -29.95 13.10
N GLN B 7 -50.04 -28.88 13.35
CA GLN B 7 -49.16 -28.30 12.34
C GLN B 7 -47.84 -29.06 12.29
N LEU B 8 -47.36 -29.34 11.09
CA LEU B 8 -46.02 -29.90 10.96
C LEU B 8 -44.99 -28.81 10.68
N CYS B 9 -43.91 -28.83 11.43
CA CYS B 9 -42.70 -28.12 11.07
C CYS B 9 -41.60 -29.18 10.87
N MET B 10 -40.56 -28.81 10.15
CA MET B 10 -39.63 -29.82 9.66
C MET B 10 -38.30 -29.20 9.29
N SER B 11 -37.35 -30.07 8.92
CA SER B 11 -36.11 -29.59 8.32
C SER B 11 -35.86 -30.39 7.05
N LEU B 12 -35.06 -29.80 6.16
CA LEU B 12 -34.59 -30.47 4.96
C LEU B 12 -33.08 -30.36 4.92
N SER B 13 -32.41 -31.49 4.83
CA SER B 13 -30.95 -31.50 4.93
C SER B 13 -30.41 -32.77 4.24
N GLY B 14 -29.18 -32.70 3.73
CA GLY B 14 -28.44 -33.88 3.30
C GLY B 14 -28.13 -34.86 4.42
N ARG B 15 -27.90 -34.37 5.63
CA ARG B 15 -27.44 -35.18 6.74
C ARG B 15 -28.19 -34.76 7.99
N PRO B 16 -29.45 -35.19 8.09
CA PRO B 16 -30.28 -34.84 9.24
C PRO B 16 -29.65 -35.22 10.58
N SER B 17 -29.79 -34.32 11.55
CA SER B 17 -29.47 -34.47 12.96
C SER B 17 -30.76 -34.79 13.72
N ASN B 18 -30.65 -35.23 14.97
CA ASN B 18 -31.77 -35.34 15.88
C ASN B 18 -32.01 -34.08 16.71
N PHE B 19 -31.09 -33.10 16.62
CA PHE B 19 -31.20 -31.94 17.50
C PHE B 19 -32.49 -31.17 17.35
N GLY B 20 -32.78 -30.68 16.15
CA GLY B 20 -34.00 -29.92 15.97
C GLY B 20 -35.28 -30.67 16.31
N THR B 21 -35.38 -31.94 15.89
CA THR B 21 -36.56 -32.74 16.15
C THR B 21 -36.84 -32.83 17.65
N THR B 22 -35.76 -33.05 18.39
CA THR B 22 -35.86 -33.23 19.82
C THR B 22 -36.20 -31.91 20.50
N PHE B 23 -35.47 -30.87 20.14
CA PHE B 23 -35.64 -29.52 20.68
C PHE B 23 -37.03 -28.96 20.45
N HIS B 24 -37.50 -28.94 19.21
CA HIS B 24 -38.81 -28.37 18.93
C HIS B 24 -39.94 -29.19 19.54
N ASN B 25 -39.89 -30.52 19.41
CA ASN B 25 -40.93 -31.36 20.01
C ASN B 25 -41.03 -31.21 21.53
N TYR B 26 -39.89 -31.09 22.19
CA TYR B 26 -39.91 -30.89 23.63
C TYR B 26 -40.66 -29.60 23.98
N LEU B 27 -40.32 -28.53 23.28
CA LEU B 27 -40.99 -27.25 23.51
C LEU B 27 -42.47 -27.22 23.11
N TYR B 28 -42.89 -27.88 22.03
CA TYR B 28 -44.31 -28.00 21.72
C TYR B 28 -45.05 -28.65 22.89
N ASP B 29 -44.51 -29.74 23.41
CA ASP B 29 -45.12 -30.46 24.53
C ASP B 29 -45.21 -29.57 25.76
N LYS B 30 -44.08 -28.93 26.13
CA LYS B 30 -44.06 -28.07 27.31
C LYS B 30 -44.98 -26.85 27.22
N LEU B 31 -45.16 -26.28 26.04
CA LEU B 31 -46.00 -25.10 25.88
C LEU B 31 -47.44 -25.40 25.45
N GLY B 32 -47.75 -26.68 25.29
CA GLY B 32 -49.08 -27.15 24.92
C GLY B 32 -49.50 -26.79 23.51
N LEU B 33 -48.53 -26.77 22.61
CA LEU B 33 -48.80 -26.37 21.24
C LEU B 33 -49.12 -27.57 20.35
N ASN B 34 -50.08 -27.39 19.46
CA ASN B 34 -50.52 -28.49 18.61
C ASN B 34 -49.72 -28.56 17.31
N PHE B 35 -48.47 -28.95 17.51
CA PHE B 35 -47.42 -28.91 16.50
C PHE B 35 -46.61 -30.21 16.67
N ILE B 36 -45.98 -30.68 15.59
CA ILE B 36 -44.92 -31.69 15.65
C ILE B 36 -43.78 -31.30 14.72
N TYR B 37 -42.60 -31.86 14.96
CA TYR B 37 -41.42 -31.58 14.14
C TYR B 37 -40.81 -32.89 13.68
N LYS B 38 -40.41 -32.92 12.41
CA LYS B 38 -39.63 -34.04 11.92
C LYS B 38 -38.60 -33.61 10.88
N ALA B 39 -37.43 -34.25 10.88
CA ALA B 39 -36.37 -34.01 9.92
C ALA B 39 -36.61 -34.90 8.69
N PHE B 40 -36.48 -34.31 7.51
CA PHE B 40 -36.60 -35.00 6.23
C PHE B 40 -35.31 -34.85 5.43
N THR B 41 -35.18 -35.68 4.40
CA THR B 41 -34.18 -35.44 3.36
C THR B 41 -34.83 -35.54 1.98
N THR B 42 -34.11 -35.14 0.93
CA THR B 42 -34.63 -35.19 -0.42
C THR B 42 -33.50 -35.25 -1.42
N GLN B 43 -33.80 -35.76 -2.61
CA GLN B 43 -32.89 -35.61 -3.73
C GLN B 43 -33.49 -34.69 -4.80
N ASP B 44 -34.54 -33.95 -4.44
CA ASP B 44 -35.29 -33.14 -5.39
C ASP B 44 -35.82 -31.91 -4.68
N ILE B 45 -34.94 -30.93 -4.50
CA ILE B 45 -35.26 -29.73 -3.73
C ILE B 45 -36.48 -29.02 -4.29
N GLU B 46 -36.58 -28.95 -5.62
CA GLU B 46 -37.70 -28.30 -6.24
C GLU B 46 -39.03 -28.85 -5.74
N HIS B 47 -39.21 -30.16 -5.83
CA HIS B 47 -40.49 -30.73 -5.41
C HIS B 47 -40.66 -30.88 -3.91
N ALA B 48 -39.56 -30.90 -3.17
CA ALA B 48 -39.63 -30.82 -1.72
C ALA B 48 -40.23 -29.48 -1.31
N ILE B 49 -39.77 -28.39 -1.89
CA ILE B 49 -40.23 -27.06 -1.46
C ILE B 49 -41.64 -26.83 -1.95
N LYS B 50 -41.93 -27.20 -3.20
CA LYS B 50 -43.29 -27.17 -3.67
C LYS B 50 -44.23 -28.06 -2.85
N GLY B 51 -43.70 -29.13 -2.28
CA GLY B 51 -44.45 -29.98 -1.36
C GLY B 51 -44.79 -29.36 -0.01
N VAL B 52 -43.80 -28.64 0.53
CA VAL B 52 -44.02 -27.86 1.74
C VAL B 52 -45.23 -26.97 1.52
N ARG B 53 -45.26 -26.24 0.42
CA ARG B 53 -46.39 -25.36 0.15
C ARG B 53 -47.70 -26.12 -0.02
N ALA B 54 -47.70 -27.10 -0.92
CA ALA B 54 -48.94 -27.81 -1.23
C ALA B 54 -49.57 -28.54 -0.05
N LEU B 55 -48.72 -29.01 0.85
CA LEU B 55 -49.19 -29.78 1.99
C LEU B 55 -49.59 -28.90 3.16
N GLY B 56 -49.32 -27.61 3.10
CA GLY B 56 -49.65 -26.74 4.22
C GLY B 56 -48.72 -26.91 5.40
N ILE B 57 -47.47 -27.30 5.17
CA ILE B 57 -46.46 -27.41 6.21
C ILE B 57 -46.06 -26.00 6.65
N ARG B 58 -46.00 -25.76 7.95
CA ARG B 58 -45.89 -24.40 8.49
C ARG B 58 -44.47 -23.85 8.37
N GLY B 59 -43.48 -24.67 8.69
CA GLY B 59 -42.13 -24.21 8.85
C GLY B 59 -41.12 -25.25 8.43
N CYS B 60 -40.04 -24.81 7.76
CA CYS B 60 -38.99 -25.72 7.34
C CYS B 60 -37.59 -25.13 7.43
N ALA B 61 -36.73 -25.76 8.22
CA ALA B 61 -35.32 -25.43 8.36
C ALA B 61 -34.67 -26.04 7.13
N VAL B 62 -33.68 -25.32 6.60
CA VAL B 62 -32.97 -25.76 5.41
C VAL B 62 -31.49 -25.78 5.77
N SER B 63 -30.87 -26.92 5.51
CA SER B 63 -29.42 -27.06 5.70
C SER B 63 -28.72 -27.49 4.42
N MET B 64 -27.40 -27.65 4.46
CA MET B 64 -26.69 -28.06 3.25
C MET B 64 -27.28 -29.39 2.77
N PRO B 65 -27.34 -29.65 1.46
CA PRO B 65 -26.82 -28.79 0.39
C PRO B 65 -27.88 -27.94 -0.30
N PHE B 66 -28.84 -27.42 0.46
CA PHE B 66 -30.06 -26.84 -0.09
C PHE B 66 -30.22 -25.35 0.18
N LYS B 67 -29.30 -24.73 0.90
CA LYS B 67 -29.55 -23.36 1.35
C LYS B 67 -29.61 -22.33 0.21
N GLU B 68 -28.98 -22.61 -0.92
CA GLU B 68 -29.09 -21.78 -2.10
C GLU B 68 -30.09 -22.31 -3.14
N THR B 69 -30.10 -23.62 -3.34
CA THR B 69 -30.91 -24.19 -4.41
C THR B 69 -32.39 -24.13 -4.07
N CYS B 70 -32.75 -23.93 -2.80
CA CYS B 70 -34.15 -23.75 -2.46
C CYS B 70 -34.72 -22.41 -2.91
N MET B 71 -33.85 -21.42 -3.08
CA MET B 71 -34.26 -20.03 -3.23
C MET B 71 -35.21 -19.75 -4.40
N PRO B 72 -34.94 -20.30 -5.59
CA PRO B 72 -35.83 -20.01 -6.72
C PRO B 72 -37.28 -20.43 -6.53
N PHE B 73 -37.52 -21.25 -5.50
CA PHE B 73 -38.85 -21.79 -5.24
C PHE B 73 -39.61 -21.09 -4.12
N LEU B 74 -39.02 -20.03 -3.58
CA LEU B 74 -39.63 -19.31 -2.48
C LEU B 74 -40.25 -18.05 -3.01
N ASP B 75 -41.13 -17.44 -2.23
CA ASP B 75 -41.86 -16.27 -2.65
C ASP B 75 -41.38 -14.91 -2.19
N GLU B 76 -40.63 -14.88 -1.10
CA GLU B 76 -40.02 -13.65 -0.61
C GLU B 76 -38.75 -14.01 0.14
N ILE B 77 -37.66 -13.32 -0.19
CA ILE B 77 -36.42 -13.47 0.56
C ILE B 77 -36.32 -12.31 1.52
N HIS B 78 -36.45 -12.60 2.82
CA HIS B 78 -36.34 -11.56 3.83
C HIS B 78 -34.91 -11.06 3.99
N PRO B 79 -34.69 -9.88 4.59
CA PRO B 79 -33.36 -9.27 4.65
C PRO B 79 -32.23 -10.15 5.23
N SER B 80 -32.53 -10.90 6.28
CA SER B 80 -31.54 -11.84 6.83
C SER B 80 -30.99 -12.81 5.81
N ALA B 81 -31.81 -13.36 4.91
CA ALA B 81 -31.34 -14.29 3.89
C ALA B 81 -30.74 -13.54 2.70
N GLN B 82 -31.24 -12.33 2.46
CA GLN B 82 -30.65 -11.49 1.43
C GLN B 82 -29.25 -11.06 1.78
N ALA B 83 -28.97 -10.96 3.08
CA ALA B 83 -27.71 -10.40 3.58
C ALA B 83 -26.55 -11.28 3.15
N ILE B 84 -26.81 -12.59 3.06
CA ILE B 84 -25.76 -13.49 2.64
C ILE B 84 -26.16 -14.41 1.48
N GLU B 85 -27.29 -14.11 0.85
CA GLU B 85 -27.87 -14.89 -0.25
C GLU B 85 -27.89 -16.39 0.02
N SER B 86 -28.45 -16.72 1.17
CA SER B 86 -28.53 -18.12 1.62
C SER B 86 -29.65 -18.23 2.65
N VAL B 87 -30.47 -19.28 2.54
CA VAL B 87 -31.66 -19.44 3.37
C VAL B 87 -31.52 -20.65 4.30
N ASN B 88 -31.84 -20.48 5.58
CA ASN B 88 -31.90 -21.62 6.48
C ASN B 88 -33.26 -21.85 7.11
N THR B 89 -34.24 -21.01 6.76
CA THR B 89 -35.56 -21.05 7.34
C THR B 89 -36.65 -20.63 6.35
N ILE B 90 -37.70 -21.44 6.22
CA ILE B 90 -38.88 -21.12 5.44
C ILE B 90 -40.12 -21.10 6.33
N VAL B 91 -40.88 -20.03 6.21
CA VAL B 91 -42.16 -19.94 6.91
C VAL B 91 -43.27 -19.84 5.87
N ASN B 92 -44.30 -20.66 6.04
CA ASN B 92 -45.41 -20.73 5.10
C ASN B 92 -46.62 -20.02 5.69
N ASP B 93 -47.00 -18.89 5.09
CA ASP B 93 -48.28 -18.25 5.45
C ASP B 93 -49.32 -18.33 4.32
N ASN B 94 -50.32 -19.17 4.43
CA ASN B 94 -51.32 -19.31 3.36
C ASN B 94 -50.78 -19.67 1.99
N GLY B 95 -49.67 -20.40 1.97
CA GLY B 95 -49.05 -20.79 0.71
C GLY B 95 -47.91 -19.89 0.29
N PHE B 96 -47.70 -18.73 0.94
CA PHE B 96 -46.69 -17.76 0.57
C PHE B 96 -45.47 -18.07 1.45
N LEU B 97 -44.39 -18.47 0.81
CA LEU B 97 -43.18 -18.94 1.49
C LEU B 97 -42.15 -17.83 1.63
N ARG B 98 -41.96 -17.41 2.89
CA ARG B 98 -40.98 -16.41 3.26
C ARG B 98 -39.69 -17.09 3.72
N ALA B 99 -38.56 -16.56 3.30
CA ALA B 99 -37.22 -17.09 3.60
C ALA B 99 -36.44 -16.18 4.53
N TYR B 100 -35.86 -16.79 5.57
CA TYR B 100 -34.98 -16.12 6.53
C TYR B 100 -33.65 -16.85 6.65
N ASN B 101 -32.70 -16.17 7.30
CA ASN B 101 -31.50 -16.84 7.76
C ASN B 101 -31.26 -16.50 9.22
N THR B 102 -31.63 -17.44 10.09
CA THR B 102 -31.49 -17.28 11.54
C THR B 102 -30.06 -17.50 12.05
N ASP B 103 -29.14 -18.03 11.26
CA ASP B 103 -27.72 -18.00 11.63
C ASP B 103 -27.28 -16.55 11.63
N TYR B 104 -27.59 -15.82 10.54
CA TYR B 104 -27.37 -14.38 10.49
C TYR B 104 -28.03 -13.61 11.63
N ILE B 105 -29.31 -13.88 11.85
CA ILE B 105 -30.08 -13.19 12.89
C ILE B 105 -29.44 -13.48 14.25
N ALA B 106 -29.05 -14.73 14.51
CA ALA B 106 -28.47 -15.07 15.81
C ALA B 106 -27.15 -14.30 16.06
N ILE B 107 -26.33 -14.09 15.04
CA ILE B 107 -25.06 -13.41 15.22
C ILE B 107 -25.35 -11.94 15.48
N VAL B 108 -26.27 -11.37 14.72
CA VAL B 108 -26.68 -9.98 14.94
C VAL B 108 -27.15 -9.81 16.38
N LYS B 109 -27.94 -10.75 16.86
CA LYS B 109 -28.49 -10.67 18.22
C LYS B 109 -27.42 -10.84 19.29
N LEU B 110 -26.44 -11.71 19.06
CA LEU B 110 -25.36 -11.86 20.02
C LEU B 110 -24.46 -10.62 20.05
N ILE B 111 -24.25 -9.97 18.91
CA ILE B 111 -23.52 -8.71 18.86
C ILE B 111 -24.21 -7.70 19.78
N GLU B 112 -25.53 -7.67 19.69
CA GLU B 112 -26.35 -6.79 20.53
C GLU B 112 -26.30 -7.22 22.00
N LYS B 113 -26.48 -8.51 22.27
CA LYS B 113 -26.57 -9.00 23.65
C LYS B 113 -25.30 -8.75 24.45
N TYR B 114 -24.16 -9.02 23.81
CA TYR B 114 -22.84 -8.80 24.36
C TYR B 114 -22.31 -7.39 24.22
N HIS B 115 -23.19 -6.49 23.76
CA HIS B 115 -22.93 -5.07 23.55
C HIS B 115 -21.56 -4.77 22.95
N LEU B 116 -21.26 -5.45 21.84
CA LEU B 116 -20.00 -5.24 21.15
C LEU B 116 -19.99 -3.83 20.54
N ASN B 117 -18.85 -3.17 20.64
CA ASN B 117 -18.74 -1.76 20.23
C ASN B 117 -18.39 -1.69 18.75
N LYS B 118 -19.22 -1.00 17.98
CA LYS B 118 -19.06 -0.90 16.53
C LYS B 118 -17.75 -0.27 16.08
N ASN B 119 -17.09 0.45 16.98
CA ASN B 119 -15.82 1.09 16.65
C ASN B 119 -14.62 0.21 17.00
N ALA B 120 -14.86 -0.96 17.57
CA ALA B 120 -13.78 -1.88 17.90
C ALA B 120 -13.22 -2.58 16.69
N LYS B 121 -11.97 -3.02 16.80
CA LYS B 121 -11.30 -3.79 15.75
C LYS B 121 -11.65 -5.27 15.86
N VAL B 122 -12.12 -5.87 14.77
CA VAL B 122 -12.49 -7.27 14.68
C VAL B 122 -11.58 -7.99 13.69
N ILE B 123 -11.18 -9.19 14.08
CA ILE B 123 -10.55 -10.09 13.13
C ILE B 123 -11.34 -11.38 13.12
N VAL B 124 -11.70 -11.84 11.93
CA VAL B 124 -12.38 -13.09 11.70
C VAL B 124 -11.37 -14.06 11.10
N HIS B 125 -11.14 -15.17 11.78
CA HIS B 125 -10.26 -16.24 11.28
C HIS B 125 -11.13 -17.29 10.58
N GLY B 126 -10.98 -17.45 9.27
CA GLY B 126 -11.71 -18.44 8.50
C GLY B 126 -12.52 -17.79 7.40
N SER B 127 -12.75 -18.56 6.33
CA SER B 127 -13.46 -18.05 5.16
C SER B 127 -14.64 -18.92 4.77
N GLY B 128 -14.85 -19.99 5.53
CA GLY B 128 -15.89 -20.97 5.25
C GLY B 128 -16.93 -21.06 6.35
N GLY B 129 -17.90 -21.95 6.17
CA GLY B 129 -18.88 -22.25 7.21
C GLY B 129 -19.71 -21.03 7.55
N MET B 130 -19.62 -20.55 8.79
CA MET B 130 -20.38 -19.39 9.23
C MET B 130 -19.73 -18.06 8.86
N ALA B 131 -18.60 -18.08 8.17
CA ALA B 131 -17.89 -16.83 7.90
C ALA B 131 -18.76 -15.75 7.27
N LYS B 132 -19.52 -16.10 6.23
CA LYS B 132 -20.30 -15.10 5.53
C LYS B 132 -21.34 -14.48 6.47
N ALA B 133 -22.06 -15.30 7.23
CA ALA B 133 -23.04 -14.82 8.20
C ALA B 133 -22.42 -13.86 9.22
N VAL B 134 -21.27 -14.25 9.76
CA VAL B 134 -20.54 -13.44 10.72
C VAL B 134 -20.10 -12.09 10.16
N VAL B 135 -19.46 -12.13 8.99
CA VAL B 135 -18.94 -10.91 8.37
C VAL B 135 -20.09 -9.95 8.05
N ALA B 136 -21.17 -10.47 7.47
CA ALA B 136 -22.34 -9.66 7.17
C ALA B 136 -22.99 -9.11 8.42
N ALA B 137 -23.07 -9.91 9.48
CA ALA B 137 -23.68 -9.43 10.71
C ALA B 137 -22.90 -8.27 11.33
N PHE B 138 -21.57 -8.35 11.33
CA PHE B 138 -20.79 -7.22 11.76
C PHE B 138 -20.95 -6.04 10.82
N LYS B 139 -21.05 -6.29 9.52
CA LYS B 139 -21.12 -5.16 8.58
C LYS B 139 -22.44 -4.42 8.78
N ASN B 140 -23.51 -5.17 8.93
CA ASN B 140 -24.84 -4.56 9.02
C ASN B 140 -25.12 -4.01 10.41
N SER B 141 -24.26 -4.32 11.37
CA SER B 141 -24.25 -3.70 12.69
C SER B 141 -23.41 -2.41 12.73
N GLY B 142 -22.79 -2.08 11.61
CA GLY B 142 -22.08 -0.82 11.44
C GLY B 142 -20.60 -0.84 11.79
N PHE B 143 -20.02 -2.03 11.84
CA PHE B 143 -18.60 -2.16 12.15
C PHE B 143 -17.80 -1.91 10.90
N GLU B 144 -16.88 -0.95 10.90
CA GLU B 144 -16.11 -0.73 9.67
C GLU B 144 -14.71 -1.31 9.79
N LYS B 145 -14.30 -1.70 10.99
CA LYS B 145 -12.91 -2.10 11.22
C LYS B 145 -12.86 -3.62 11.43
N LEU B 146 -12.92 -4.35 10.33
CA LEU B 146 -12.89 -5.82 10.36
C LEU B 146 -11.92 -6.35 9.32
N LYS B 147 -11.07 -7.31 9.69
CA LYS B 147 -10.24 -8.00 8.73
C LYS B 147 -10.53 -9.49 8.76
N ILE B 148 -10.37 -10.13 7.61
CA ILE B 148 -10.53 -11.57 7.47
C ILE B 148 -9.13 -12.18 7.31
N TYR B 149 -8.80 -13.10 8.21
CA TYR B 149 -7.56 -13.85 8.27
C TYR B 149 -7.94 -15.26 7.81
N ALA B 150 -7.42 -15.77 6.70
CA ALA B 150 -7.83 -17.09 6.27
C ALA B 150 -6.75 -17.77 5.43
N ARG B 151 -6.77 -19.09 5.36
CA ARG B 151 -5.75 -19.72 4.52
C ARG B 151 -6.21 -19.78 3.08
N ASN B 152 -7.51 -19.93 2.89
CA ASN B 152 -8.03 -19.85 1.53
C ASN B 152 -7.98 -18.41 1.06
N VAL B 153 -6.95 -18.07 0.29
CA VAL B 153 -6.73 -16.69 -0.10
C VAL B 153 -7.87 -16.22 -0.99
N LYS B 154 -8.27 -17.05 -1.94
CA LYS B 154 -9.29 -16.64 -2.89
C LYS B 154 -10.65 -16.39 -2.24
N THR B 155 -11.07 -17.32 -1.39
CA THR B 155 -12.34 -17.17 -0.69
C THR B 155 -12.29 -16.04 0.33
N GLY B 156 -11.17 -15.88 1.03
CA GLY B 156 -11.03 -14.79 1.98
C GLY B 156 -11.02 -13.42 1.33
N GLN B 157 -10.33 -13.32 0.21
CA GLN B 157 -10.27 -12.07 -0.52
C GLN B 157 -11.66 -11.71 -1.03
N TYR B 158 -12.42 -12.73 -1.44
CA TYR B 158 -13.77 -12.50 -1.97
C TYR B 158 -14.71 -12.01 -0.88
N LEU B 159 -14.74 -12.68 0.26
CA LEU B 159 -15.55 -12.24 1.41
C LEU B 159 -15.24 -10.82 1.83
N ALA B 160 -13.94 -10.53 1.86
CA ALA B 160 -13.52 -9.21 2.26
C ALA B 160 -14.00 -8.14 1.29
N ALA B 161 -13.79 -8.34 -0.01
CA ALA B 161 -14.18 -7.36 -1.01
C ALA B 161 -15.71 -7.25 -1.03
N LEU B 162 -16.38 -8.39 -0.90
CA LEU B 162 -17.85 -8.38 -0.93
C LEU B 162 -18.46 -7.41 0.09
N TYR B 163 -17.90 -7.40 1.29
CA TYR B 163 -18.40 -6.63 2.42
C TYR B 163 -17.57 -5.39 2.76
N GLY B 164 -16.61 -5.03 1.90
CA GLY B 164 -15.85 -3.82 2.05
C GLY B 164 -14.83 -3.78 3.18
N TYR B 165 -14.22 -4.93 3.39
CA TYR B 165 -13.26 -5.13 4.45
C TYR B 165 -11.93 -5.51 3.83
N ALA B 166 -10.95 -5.77 4.67
CA ALA B 166 -9.62 -6.17 4.25
C ALA B 166 -9.31 -7.63 4.54
N TYR B 167 -8.52 -8.23 3.65
CA TYR B 167 -8.07 -9.60 3.82
C TYR B 167 -6.61 -9.53 4.25
N ILE B 168 -6.24 -10.37 5.20
CA ILE B 168 -4.86 -10.57 5.62
C ILE B 168 -4.48 -12.06 5.56
N ASN B 169 -3.21 -12.33 5.27
CA ASN B 169 -2.75 -13.72 5.22
C ASN B 169 -1.99 -14.12 6.47
N SER B 170 -1.82 -13.15 7.35
CA SER B 170 -1.16 -13.41 8.63
C SER B 170 -1.49 -12.35 9.70
N LEU B 171 -1.30 -12.72 10.96
CA LEU B 171 -1.56 -11.81 12.06
C LEU B 171 -0.39 -10.88 12.39
N GLU B 172 0.68 -11.01 11.64
CA GLU B 172 1.91 -10.31 11.99
C GLU B 172 1.63 -8.81 12.11
N ASN B 173 2.19 -8.31 13.20
CA ASN B 173 1.50 -7.57 14.25
C ASN B 173 0.39 -6.58 13.91
N GLN B 174 -0.80 -7.19 13.92
CA GLN B 174 -2.08 -6.53 14.08
C GLN B 174 -2.35 -6.67 15.56
N GLN B 175 -3.22 -5.81 16.08
CA GLN B 175 -4.09 -6.13 17.20
C GLN B 175 -5.56 -5.86 16.87
N ALA B 176 -6.39 -6.29 17.80
CA ALA B 176 -7.81 -6.52 17.57
C ALA B 176 -8.43 -6.71 18.95
N ASP B 177 -9.63 -6.14 19.06
CA ASP B 177 -10.40 -6.19 20.29
C ASP B 177 -11.33 -7.40 20.28
N ILE B 178 -11.86 -7.76 19.12
CA ILE B 178 -12.82 -8.84 19.00
C ILE B 178 -12.30 -9.88 18.02
N LEU B 179 -12.09 -11.09 18.55
CA LEU B 179 -11.54 -12.22 17.81
C LEU B 179 -12.60 -13.26 17.53
N VAL B 180 -12.85 -13.58 16.26
CA VAL B 180 -13.93 -14.47 15.89
C VAL B 180 -13.38 -15.64 15.13
N ASN B 181 -13.65 -16.85 15.62
CA ASN B 181 -13.21 -18.06 14.90
C ASN B 181 -14.36 -18.69 14.15
N VAL B 182 -14.18 -18.86 12.85
CA VAL B 182 -15.13 -19.63 12.04
C VAL B 182 -14.43 -20.76 11.28
N THR B 183 -13.19 -21.05 11.62
CA THR B 183 -12.56 -22.26 11.13
C THR B 183 -12.99 -23.48 11.93
N SER B 184 -12.49 -24.63 11.51
CA SER B 184 -12.70 -25.85 12.26
C SER B 184 -11.65 -26.08 13.35
N ILE B 185 -10.74 -25.14 13.57
CA ILE B 185 -9.78 -25.26 14.66
C ILE B 185 -10.54 -25.35 15.97
N GLY B 186 -10.10 -26.23 16.86
CA GLY B 186 -10.76 -26.52 18.12
C GLY B 186 -11.89 -27.55 18.12
N MET B 187 -12.39 -27.94 16.96
CA MET B 187 -13.49 -28.86 16.84
C MET B 187 -13.11 -30.30 17.21
N LYS B 188 -13.89 -30.89 18.11
CA LYS B 188 -13.84 -32.30 18.46
C LYS B 188 -13.73 -33.16 17.22
N GLY B 189 -12.76 -34.07 17.17
CA GLY B 189 -12.66 -35.00 16.06
C GLY B 189 -12.00 -34.43 14.82
N GLY B 190 -11.75 -33.13 14.78
CA GLY B 190 -11.12 -32.46 13.66
C GLY B 190 -9.61 -32.59 13.58
N LYS B 191 -9.05 -31.99 12.53
CA LYS B 191 -7.62 -32.06 12.26
C LYS B 191 -6.80 -31.10 13.11
N GLU B 192 -7.45 -30.13 13.74
CA GLU B 192 -6.79 -29.15 14.61
C GLU B 192 -7.44 -29.05 15.99
N GLU B 193 -7.69 -30.20 16.60
CA GLU B 193 -8.61 -30.28 17.71
C GLU B 193 -8.15 -29.54 18.97
N MET B 194 -6.85 -29.60 19.28
CA MET B 194 -6.35 -29.00 20.50
C MET B 194 -5.49 -27.80 20.17
N ASP B 195 -5.65 -27.26 18.98
CA ASP B 195 -4.91 -26.08 18.56
C ASP B 195 -5.70 -24.81 18.92
N LEU B 196 -5.01 -23.68 19.00
CA LEU B 196 -5.62 -22.37 19.28
C LEU B 196 -6.04 -21.69 17.98
N ALA B 197 -7.24 -21.11 17.93
CA ALA B 197 -7.72 -20.43 16.73
C ALA B 197 -7.04 -19.07 16.54
N PHE B 198 -6.58 -18.51 17.67
CA PHE B 198 -5.75 -17.32 17.69
C PHE B 198 -4.62 -17.52 18.69
N PRO B 199 -3.46 -16.91 18.43
CA PRO B 199 -2.36 -17.08 19.40
C PRO B 199 -2.65 -16.50 20.78
N LYS B 200 -2.01 -17.07 21.79
CA LYS B 200 -2.18 -16.58 23.15
C LYS B 200 -1.95 -15.09 23.27
N ALA B 201 -0.89 -14.58 22.64
CA ALA B 201 -0.60 -13.16 22.78
C ALA B 201 -1.70 -12.28 22.19
N PHE B 202 -2.29 -12.74 21.09
CA PHE B 202 -3.45 -12.06 20.50
C PHE B 202 -4.68 -12.03 21.39
N ILE B 203 -4.97 -13.18 22.00
CA ILE B 203 -6.07 -13.31 22.93
C ILE B 203 -5.81 -12.38 24.13
N ASP B 204 -4.59 -12.38 24.67
CA ASP B 204 -4.25 -11.47 25.77
C ASP B 204 -4.54 -9.99 25.47
N ASN B 205 -4.39 -9.58 24.22
CA ASN B 205 -4.54 -8.18 23.84
C ASN B 205 -5.96 -7.84 23.40
N ALA B 206 -6.83 -8.85 23.30
CA ALA B 206 -8.21 -8.70 22.87
C ALA B 206 -9.11 -8.50 24.07
N SER B 207 -10.36 -8.15 23.81
CA SER B 207 -11.35 -8.07 24.86
C SER B 207 -12.47 -9.13 24.82
N VAL B 208 -12.67 -9.69 23.62
CA VAL B 208 -13.75 -10.63 23.38
C VAL B 208 -13.32 -11.76 22.44
N ALA B 209 -13.67 -12.99 22.82
CA ALA B 209 -13.35 -14.18 22.03
C ALA B 209 -14.69 -14.83 21.69
N PHE B 210 -14.97 -14.94 20.39
CA PHE B 210 -16.24 -15.45 19.88
C PHE B 210 -15.86 -16.63 19.00
N ASP B 211 -16.20 -17.82 19.47
CA ASP B 211 -15.94 -19.05 18.74
C ASP B 211 -17.23 -19.70 18.29
N VAL B 212 -17.41 -19.88 16.98
CA VAL B 212 -18.61 -20.53 16.50
C VAL B 212 -18.59 -22.04 16.62
N VAL B 213 -17.41 -22.58 16.94
CA VAL B 213 -17.30 -24.01 17.18
C VAL B 213 -18.17 -24.36 18.38
N ALA B 214 -19.05 -25.34 18.22
CA ALA B 214 -19.96 -25.70 19.31
C ALA B 214 -19.57 -26.93 20.12
N MET B 215 -18.71 -27.77 19.55
CA MET B 215 -18.36 -29.05 20.17
C MET B 215 -16.85 -29.17 20.10
N PRO B 216 -16.14 -29.06 21.22
CA PRO B 216 -16.72 -28.74 22.53
C PRO B 216 -17.02 -27.25 22.63
N VAL B 217 -17.76 -26.84 23.64
CA VAL B 217 -17.87 -25.41 23.92
C VAL B 217 -16.51 -24.82 24.30
N GLU B 218 -15.86 -25.52 25.21
CA GLU B 218 -14.55 -25.12 25.72
C GLU B 218 -13.45 -25.55 24.78
N THR B 219 -13.36 -24.86 23.64
CA THR B 219 -12.27 -25.02 22.68
C THR B 219 -11.03 -24.43 23.35
N PRO B 220 -9.83 -24.70 22.85
CA PRO B 220 -8.63 -24.08 23.44
C PRO B 220 -8.67 -22.55 23.45
N PHE B 221 -9.22 -21.98 22.39
CA PHE B 221 -9.43 -20.53 22.24
C PHE B 221 -10.31 -20.01 23.37
N ILE B 222 -11.46 -20.66 23.56
CA ILE B 222 -12.39 -20.23 24.61
C ILE B 222 -11.79 -20.44 25.99
N ARG B 223 -11.13 -21.57 26.22
CA ARG B 223 -10.58 -21.85 27.53
C ARG B 223 -9.54 -20.82 27.93
N TYR B 224 -8.69 -20.40 26.98
CA TYR B 224 -7.58 -19.52 27.27
C TYR B 224 -8.16 -18.12 27.50
N ALA B 225 -9.13 -17.74 26.66
CA ALA B 225 -9.80 -16.47 26.87
C ALA B 225 -10.39 -16.38 28.27
N GLN B 226 -11.06 -17.45 28.72
CA GLN B 226 -11.67 -17.49 30.04
C GLN B 226 -10.63 -17.41 31.15
N ALA B 227 -9.49 -18.05 30.92
CA ALA B 227 -8.34 -18.05 31.84
C ALA B 227 -7.70 -16.69 31.96
N ARG B 228 -7.85 -15.88 30.92
CA ARG B 228 -7.32 -14.51 30.92
C ARG B 228 -8.37 -13.47 31.23
N GLY B 229 -9.58 -13.90 31.54
CA GLY B 229 -10.61 -12.99 32.03
C GLY B 229 -11.32 -12.20 30.95
N LYS B 230 -11.23 -12.66 29.71
CA LYS B 230 -11.87 -12.01 28.58
C LYS B 230 -13.30 -12.51 28.43
N GLN B 231 -14.15 -11.71 27.79
CA GLN B 231 -15.52 -12.12 27.55
C GLN B 231 -15.55 -13.13 26.43
N THR B 232 -16.42 -14.13 26.51
CA THR B 232 -16.51 -15.14 25.48
C THR B 232 -17.94 -15.35 25.02
N ILE B 233 -18.05 -15.74 23.76
CA ILE B 233 -19.32 -16.07 23.12
C ILE B 233 -19.06 -17.42 22.42
N SER B 234 -19.87 -18.43 22.73
CA SER B 234 -19.70 -19.82 22.27
C SER B 234 -20.63 -20.23 21.13
N GLY B 235 -20.20 -21.25 20.38
CA GLY B 235 -20.96 -21.71 19.23
C GLY B 235 -22.26 -22.34 19.68
N ALA B 236 -22.30 -22.85 20.91
CA ALA B 236 -23.53 -23.41 21.45
C ALA B 236 -24.63 -22.36 21.52
N ALA B 237 -24.28 -21.13 21.88
CA ALA B 237 -25.25 -20.04 21.94
C ALA B 237 -25.81 -19.70 20.57
N VAL B 238 -24.98 -19.79 19.54
CA VAL B 238 -25.45 -19.53 18.18
C VAL B 238 -26.45 -20.62 17.81
N ILE B 239 -26.12 -21.88 18.05
CA ILE B 239 -26.99 -22.97 17.63
C ILE B 239 -28.34 -22.93 18.32
N VAL B 240 -28.34 -22.61 19.61
CA VAL B 240 -29.60 -22.49 20.31
C VAL B 240 -30.42 -21.28 19.86
N LEU B 241 -29.79 -20.11 19.75
CA LEU B 241 -30.52 -18.93 19.32
C LEU B 241 -31.13 -19.06 17.93
N GLN B 242 -30.38 -19.66 17.01
CA GLN B 242 -30.91 -19.79 15.65
C GLN B 242 -32.11 -20.71 15.63
N ALA B 243 -32.13 -21.73 16.49
CA ALA B 243 -33.28 -22.62 16.60
C ALA B 243 -34.47 -21.94 17.29
N VAL B 244 -34.22 -21.15 18.32
CA VAL B 244 -35.28 -20.44 19.04
C VAL B 244 -35.91 -19.45 18.07
N GLU B 245 -35.10 -18.77 17.27
CA GLU B 245 -35.64 -17.83 16.27
C GLU B 245 -36.58 -18.52 15.28
N GLN B 246 -36.21 -19.73 14.85
CA GLN B 246 -37.08 -20.52 13.99
C GLN B 246 -38.39 -20.87 14.69
N PHE B 247 -38.24 -21.32 15.92
CA PHE B 247 -39.39 -21.72 16.72
C PHE B 247 -40.38 -20.57 16.84
N GLU B 248 -39.88 -19.37 17.12
CA GLU B 248 -40.74 -18.18 17.26
C GLU B 248 -41.39 -17.75 15.95
N LEU B 249 -40.64 -17.87 14.86
CA LEU B 249 -41.21 -17.58 13.53
C LEU B 249 -42.35 -18.56 13.23
N TYR B 250 -42.17 -19.83 13.57
CA TYR B 250 -43.20 -20.82 13.22
C TYR B 250 -44.46 -20.70 14.11
N THR B 251 -44.26 -20.52 15.41
CA THR B 251 -45.33 -20.61 16.37
C THR B 251 -45.88 -19.28 16.90
N HIS B 252 -45.15 -18.20 16.68
CA HIS B 252 -45.40 -16.90 17.31
C HIS B 252 -45.41 -16.95 18.85
N GLN B 253 -44.70 -17.90 19.42
CA GLN B 253 -44.57 -18.08 20.88
C GLN B 253 -43.10 -18.06 21.26
N ARG B 254 -42.80 -17.39 22.37
CA ARG B 254 -41.42 -17.29 22.86
C ARG B 254 -41.28 -18.12 24.13
N PRO B 255 -40.56 -19.23 24.07
CA PRO B 255 -40.36 -19.98 25.31
C PRO B 255 -39.46 -19.17 26.24
N SER B 256 -39.60 -19.40 27.55
CA SER B 256 -38.81 -18.71 28.56
C SER B 256 -37.36 -19.14 28.43
N ASP B 257 -36.44 -18.35 28.97
CA ASP B 257 -35.02 -18.73 28.94
C ASP B 257 -34.80 -20.05 29.63
N GLU B 258 -35.55 -20.34 30.70
CA GLU B 258 -35.32 -21.56 31.45
C GLU B 258 -35.78 -22.76 30.61
N LEU B 259 -36.92 -22.64 29.93
CA LEU B 259 -37.37 -23.70 29.05
C LEU B 259 -36.45 -23.93 27.85
N ILE B 260 -35.95 -22.85 27.26
CA ILE B 260 -34.92 -22.96 26.22
C ILE B 260 -33.73 -23.80 26.69
N ALA B 261 -33.26 -23.49 27.89
CA ALA B 261 -32.07 -24.16 28.44
C ALA B 261 -32.37 -25.63 28.67
N GLU B 262 -33.57 -25.95 29.17
CA GLU B 262 -33.93 -27.36 29.35
C GLU B 262 -34.00 -28.10 28.01
N ALA B 263 -34.57 -27.44 27.02
CA ALA B 263 -34.75 -28.07 25.72
C ALA B 263 -33.41 -28.35 25.06
N ALA B 264 -32.48 -27.43 25.20
CA ALA B 264 -31.17 -27.55 24.58
C ALA B 264 -30.38 -28.65 25.28
N ALA B 265 -30.48 -28.72 26.61
CA ALA B 265 -29.81 -29.80 27.35
C ALA B 265 -30.40 -31.16 27.02
N PHE B 266 -31.73 -31.23 26.90
CA PHE B 266 -32.44 -32.43 26.47
C PHE B 266 -32.06 -32.88 25.07
N ALA B 267 -31.99 -31.95 24.13
CA ALA B 267 -31.76 -32.29 22.74
C ALA B 267 -30.33 -32.73 22.46
N ARG B 268 -29.35 -32.18 23.16
CA ARG B 268 -27.96 -32.62 22.98
C ARG B 268 -27.70 -34.09 23.32
N THR B 269 -28.51 -34.67 24.20
CA THR B 269 -28.34 -36.06 24.61
C THR B 269 -28.78 -36.99 23.47
N LYS B 270 -29.58 -36.44 22.57
CA LYS B 270 -30.09 -37.00 21.32
C LYS B 270 -31.55 -37.45 21.48
N MET C 1 45.28 18.82 45.32
CA MET C 1 46.48 19.72 45.21
C MET C 1 47.10 19.66 43.82
N ILE C 2 46.64 20.64 43.05
CA ILE C 2 47.03 20.83 41.65
C ILE C 2 48.53 21.07 41.60
N ASN C 3 49.12 20.43 40.60
CA ASN C 3 50.52 20.62 40.26
C ASN C 3 50.70 20.76 38.75
N LYS C 4 51.93 21.00 38.31
CA LYS C 4 52.17 21.28 36.89
C LYS C 4 51.83 20.09 36.01
N ASP C 5 51.79 18.90 36.59
CA ASP C 5 51.49 17.68 35.84
C ASP C 5 50.02 17.31 35.79
N THR C 6 49.20 18.03 36.55
CA THR C 6 47.76 17.73 36.57
C THR C 6 47.18 17.95 35.20
N GLN C 7 46.40 17.01 34.69
CA GLN C 7 45.73 17.18 33.41
C GLN C 7 44.34 17.81 33.58
N LEU C 8 43.97 18.66 32.64
CA LEU C 8 42.64 19.26 32.65
C LEU C 8 41.74 18.53 31.64
N CYS C 9 40.55 18.19 32.10
CA CYS C 9 39.43 17.80 31.27
C CYS C 9 38.36 18.89 31.46
N MET C 10 37.43 18.96 30.52
CA MET C 10 36.52 20.10 30.52
C MET C 10 35.34 19.85 29.62
N SER C 11 34.46 20.85 29.61
CA SER C 11 33.29 20.81 28.73
C SER C 11 33.11 22.19 28.12
N LEU C 12 32.43 22.19 26.98
CA LEU C 12 32.06 23.43 26.29
C LEU C 12 30.57 23.40 25.99
N SER C 13 29.86 24.44 26.39
CA SER C 13 28.43 24.46 26.13
C SER C 13 27.92 25.89 26.25
N GLY C 14 26.78 26.14 25.63
CA GLY C 14 26.13 27.44 25.70
C GLY C 14 25.63 27.74 27.09
N ARG C 15 25.23 26.72 27.84
CA ARG C 15 24.66 26.91 29.17
C ARG C 15 25.22 25.83 30.09
N PRO C 16 26.41 26.07 30.62
CA PRO C 16 27.07 25.10 31.49
C PRO C 16 26.24 24.74 32.72
N SER C 17 26.40 23.50 33.15
CA SER C 17 25.85 23.07 34.42
C SER C 17 26.96 22.46 35.27
N ASN C 18 26.63 22.19 36.52
CA ASN C 18 27.62 21.68 37.46
C ASN C 18 27.77 20.16 37.51
N PHE C 19 26.84 19.44 36.90
CA PHE C 19 26.87 17.99 37.12
C PHE C 19 28.22 17.35 36.72
N GLY C 20 28.65 17.63 35.50
CA GLY C 20 29.87 16.99 35.01
C GLY C 20 31.08 17.37 35.84
N THR C 21 31.21 18.65 36.17
CA THR C 21 32.32 19.16 36.96
C THR C 21 32.37 18.46 38.32
N THR C 22 31.23 18.37 38.98
CA THR C 22 31.22 17.71 40.27
C THR C 22 31.52 16.21 40.17
N PHE C 23 30.89 15.56 39.19
CA PHE C 23 31.05 14.14 38.90
C PHE C 23 32.50 13.72 38.64
N HIS C 24 33.10 14.33 37.63
CA HIS C 24 34.46 13.97 37.25
C HIS C 24 35.46 14.26 38.38
N ASN C 25 35.34 15.40 39.05
CA ASN C 25 36.27 15.75 40.11
C ASN C 25 36.14 14.82 41.31
N TYR C 26 34.93 14.39 41.61
CA TYR C 26 34.73 13.40 42.67
C TYR C 26 35.46 12.10 42.33
N LEU C 27 35.29 11.61 41.12
CA LEU C 27 35.95 10.40 40.65
C LEU C 27 37.47 10.57 40.66
N TYR C 28 38.00 11.71 40.21
CA TYR C 28 39.46 11.84 40.21
C TYR C 28 39.96 11.73 41.64
N ASP C 29 39.26 12.34 42.59
CA ASP C 29 39.67 12.27 43.99
C ASP C 29 39.68 10.85 44.53
N LYS C 30 38.61 10.09 44.29
CA LYS C 30 38.49 8.76 44.86
C LYS C 30 39.44 7.75 44.20
N LEU C 31 39.78 8.00 42.94
CA LEU C 31 40.67 7.13 42.18
C LEU C 31 42.13 7.55 42.21
N GLY C 32 42.41 8.66 42.88
CA GLY C 32 43.77 9.18 42.96
C GLY C 32 44.42 9.59 41.65
N LEU C 33 43.61 10.11 40.75
CA LEU C 33 44.02 10.55 39.43
C LEU C 33 44.39 12.02 39.48
N ASN C 34 45.52 12.36 38.88
CA ASN C 34 46.05 13.72 38.93
C ASN C 34 45.43 14.51 37.76
N PHE C 35 44.13 14.77 37.95
CA PHE C 35 43.28 15.40 36.93
C PHE C 35 42.38 16.42 37.65
N ILE C 36 41.95 17.45 36.94
CA ILE C 36 40.85 18.33 37.35
C ILE C 36 39.90 18.54 36.18
N TYR C 37 38.64 18.86 36.49
CA TYR C 37 37.60 19.10 35.50
C TYR C 37 36.97 20.46 35.75
N LYS C 38 36.71 21.17 34.67
CA LYS C 38 35.87 22.37 34.77
C LYS C 38 35.07 22.56 33.47
N ALA C 39 33.85 23.05 33.63
CA ALA C 39 33.02 23.51 32.52
C ALA C 39 33.36 24.94 32.07
N PHE C 40 33.39 25.13 30.75
CA PHE C 40 33.67 26.42 30.13
C PHE C 40 32.54 26.78 29.17
N THR C 41 32.45 28.07 28.84
CA THR C 41 31.67 28.55 27.69
C THR C 41 32.57 29.17 26.66
N THR C 42 32.03 29.46 25.48
CA THR C 42 32.76 30.17 24.43
C THR C 42 31.82 30.84 23.44
N GLN C 43 32.27 31.95 22.89
CA GLN C 43 31.65 32.57 21.71
C GLN C 43 32.35 32.25 20.39
N ASP C 44 33.31 31.31 20.38
CA ASP C 44 34.17 31.13 19.22
C ASP C 44 34.63 29.68 19.23
N ILE C 45 33.73 28.80 18.82
CA ILE C 45 34.06 27.37 18.83
C ILE C 45 35.36 27.01 18.13
N GLU C 46 35.67 27.65 17.01
CA GLU C 46 36.88 27.37 16.25
C GLU C 46 38.10 27.50 17.15
N HIS C 47 38.23 28.64 17.80
CA HIS C 47 39.46 28.85 18.57
C HIS C 47 39.40 28.19 19.94
N ALA C 48 38.20 27.86 20.40
CA ALA C 48 38.06 27.04 21.60
C ALA C 48 38.64 25.65 21.36
N ILE C 49 38.23 25.00 20.28
CA ILE C 49 38.73 23.68 19.93
C ILE C 49 40.21 23.68 19.61
N LYS C 50 40.68 24.68 18.86
CA LYS C 50 42.09 24.80 18.57
C LYS C 50 42.91 25.10 19.83
N GLY C 51 42.29 25.76 20.79
CA GLY C 51 42.84 25.98 22.11
C GLY C 51 42.99 24.71 22.93
N VAL C 52 42.00 23.82 22.90
CA VAL C 52 42.04 22.49 23.54
C VAL C 52 43.29 21.76 23.04
N ARG C 53 43.52 21.79 21.73
CA ARG C 53 44.67 21.10 21.20
C ARG C 53 45.96 21.78 21.66
N ALA C 54 46.08 23.08 21.42
CA ALA C 54 47.33 23.79 21.67
C ALA C 54 47.74 23.81 23.15
N LEU C 55 46.77 23.82 24.06
CA LEU C 55 47.09 23.87 25.48
C LEU C 55 47.36 22.50 26.05
N GLY C 56 47.11 21.46 25.27
CA GLY C 56 47.27 20.10 25.78
C GLY C 56 46.23 19.65 26.78
N ILE C 57 45.02 20.18 26.66
CA ILE C 57 43.86 19.80 27.45
C ILE C 57 43.49 18.40 27.00
N ARG C 58 43.33 17.49 27.95
CA ARG C 58 43.15 16.07 27.62
C ARG C 58 41.80 15.69 27.06
N GLY C 59 40.72 16.25 27.60
CA GLY C 59 39.38 15.78 27.28
C GLY C 59 38.41 16.93 27.28
N CYS C 60 37.48 16.93 26.34
CA CYS C 60 36.50 18.02 26.24
C CYS C 60 35.16 17.50 25.76
N ALA C 61 34.20 17.58 26.68
CA ALA C 61 32.81 17.33 26.33
C ALA C 61 32.24 18.53 25.58
N VAL C 62 31.25 18.25 24.74
CA VAL C 62 30.69 19.27 23.83
C VAL C 62 29.19 19.12 23.87
N SER C 63 28.54 20.23 24.19
CA SER C 63 27.08 20.28 24.25
C SER C 63 26.55 21.37 23.34
N MET C 64 25.23 21.48 23.25
CA MET C 64 24.66 22.50 22.40
C MET C 64 25.23 23.84 22.79
N PRO C 65 25.43 24.76 21.84
CA PRO C 65 25.14 24.59 20.41
C PRO C 65 26.35 24.26 19.57
N PHE C 66 27.23 23.41 20.07
CA PHE C 66 28.53 23.23 19.45
C PHE C 66 28.77 21.84 18.91
N LYS C 67 27.81 20.94 19.02
CA LYS C 67 28.07 19.54 18.69
C LYS C 67 28.33 19.28 17.22
N GLU C 68 27.80 20.13 16.34
CA GLU C 68 28.15 20.07 14.92
C GLU C 68 29.24 21.06 14.49
N THR C 69 29.23 22.27 15.03
CA THR C 69 30.17 23.31 14.57
C THR C 69 31.59 23.04 15.06
N CYS C 70 31.77 22.18 16.06
CA CYS C 70 33.13 21.79 16.44
C CYS C 70 33.80 20.84 15.46
N MET C 71 33.01 20.13 14.65
CA MET C 71 33.52 19.03 13.85
C MET C 71 34.57 19.33 12.78
N PRO C 72 34.49 20.45 12.06
CA PRO C 72 35.52 20.74 11.06
C PRO C 72 36.93 20.83 11.64
N PHE C 73 37.04 20.99 12.95
CA PHE C 73 38.32 21.28 13.60
C PHE C 73 38.94 20.06 14.27
N LEU C 74 38.33 18.90 14.09
CA LEU C 74 38.78 17.67 14.75
C LEU C 74 39.55 16.81 13.77
N ASP C 75 40.40 15.94 14.30
CA ASP C 75 41.27 15.17 13.42
C ASP C 75 40.69 13.83 12.96
N GLU C 76 39.97 13.16 13.85
CA GLU C 76 39.49 11.81 13.61
C GLU C 76 38.14 11.61 14.27
N ILE C 77 37.08 11.52 13.47
CA ILE C 77 35.73 11.34 13.97
C ILE C 77 35.38 9.86 14.01
N HIS C 78 35.05 9.36 15.19
CA HIS C 78 34.83 7.94 15.36
C HIS C 78 33.40 7.52 15.04
N PRO C 79 33.17 6.23 14.84
CA PRO C 79 31.87 5.77 14.35
C PRO C 79 30.65 6.20 15.15
N SER C 80 30.76 6.37 16.47
CA SER C 80 29.63 6.82 17.29
C SER C 80 29.20 8.24 16.88
N ALA C 81 30.16 9.09 16.55
CA ALA C 81 29.86 10.46 16.18
C ALA C 81 29.46 10.49 14.71
N GLN C 82 30.12 9.67 13.87
CA GLN C 82 29.76 9.60 12.45
C GLN C 82 28.29 9.14 12.31
N ALA C 83 27.80 8.31 13.22
CA ALA C 83 26.48 7.67 13.07
C ALA C 83 25.38 8.71 13.07
N ILE C 84 25.63 9.80 13.78
CA ILE C 84 24.66 10.89 13.89
C ILE C 84 25.22 12.24 13.52
N GLU C 85 26.41 12.24 12.94
CA GLU C 85 27.12 13.45 12.54
C GLU C 85 27.09 14.54 13.62
N SER C 86 27.44 14.14 14.83
CA SER C 86 27.37 15.02 15.98
C SER C 86 28.36 14.51 17.01
N VAL C 87 29.17 15.42 17.53
CA VAL C 87 30.22 15.09 18.49
C VAL C 87 29.87 15.62 19.88
N ASN C 88 29.99 14.79 20.90
CA ASN C 88 29.88 15.29 22.27
C ASN C 88 31.11 15.05 23.14
N THR C 89 32.17 14.47 22.56
CA THR C 89 33.37 14.09 23.30
C THR C 89 34.61 14.22 22.42
N ILE C 90 35.62 14.93 22.91
CA ILE C 90 36.90 15.05 22.26
C ILE C 90 37.99 14.52 23.20
N VAL C 91 38.90 13.73 22.65
CA VAL C 91 40.00 13.16 23.42
C VAL C 91 41.30 13.57 22.69
N ASN C 92 42.14 14.31 23.39
CA ASN C 92 43.36 14.84 22.78
C ASN C 92 44.52 13.89 23.11
N ASP C 93 45.10 13.27 22.09
CA ASP C 93 46.29 12.43 22.17
C ASP C 93 47.49 13.16 21.59
N ASN C 94 48.21 13.88 22.43
CA ASN C 94 49.35 14.66 22.01
C ASN C 94 49.12 15.52 20.75
N GLY C 95 47.98 16.20 20.70
CA GLY C 95 47.64 17.08 19.60
C GLY C 95 46.67 16.55 18.56
N PHE C 96 46.44 15.24 18.62
CA PHE C 96 45.57 14.53 17.71
C PHE C 96 44.21 14.38 18.38
N LEU C 97 43.20 15.07 17.85
CA LEU C 97 41.89 15.13 18.51
C LEU C 97 41.00 14.06 17.91
N ARG C 98 40.69 13.02 18.70
CA ARG C 98 39.71 12.03 18.34
C ARG C 98 38.37 12.41 18.92
N ALA C 99 37.32 12.08 18.18
CA ALA C 99 36.00 12.55 18.59
C ALA C 99 34.97 11.43 18.61
N TYR C 100 34.08 11.48 19.59
CA TYR C 100 33.11 10.41 19.85
C TYR C 100 31.76 11.01 20.13
N ASN C 101 30.74 10.17 20.14
CA ASN C 101 29.46 10.54 20.74
C ASN C 101 29.02 9.52 21.80
N THR C 102 29.22 9.84 23.08
CA THR C 102 28.89 8.91 24.14
C THR C 102 27.40 8.90 24.50
N ASP C 103 26.63 9.85 23.98
CA ASP C 103 25.17 9.70 24.07
C ASP C 103 24.66 8.50 23.25
N TYR C 104 25.13 8.45 22.00
CA TYR C 104 24.90 7.33 21.11
C TYR C 104 25.37 6.03 21.77
N ILE C 105 26.59 6.03 22.31
CA ILE C 105 27.12 4.81 22.90
C ILE C 105 26.28 4.36 24.09
N ALA C 106 25.87 5.33 24.90
CA ALA C 106 25.09 5.03 26.11
C ALA C 106 23.74 4.42 25.73
N ILE C 107 23.11 4.92 24.67
CA ILE C 107 21.79 4.43 24.28
C ILE C 107 21.94 3.01 23.76
N VAL C 108 22.96 2.78 22.92
CA VAL C 108 23.20 1.43 22.44
C VAL C 108 23.40 0.49 23.63
N LYS C 109 24.17 0.95 24.61
CA LYS C 109 24.45 0.11 25.77
C LYS C 109 23.23 -0.20 26.63
N LEU C 110 22.33 0.77 26.77
CA LEU C 110 21.12 0.62 27.56
C LEU C 110 20.12 -0.28 26.84
N ILE C 111 20.06 -0.18 25.51
CA ILE C 111 19.20 -1.07 24.73
C ILE C 111 19.60 -2.52 25.02
N GLU C 112 20.90 -2.75 25.08
CA GLU C 112 21.47 -4.06 25.37
C GLU C 112 21.22 -4.42 26.84
N LYS C 113 21.45 -3.51 27.79
CA LYS C 113 21.29 -3.82 29.20
C LYS C 113 19.85 -4.25 29.56
N TYR C 114 18.87 -3.56 29.01
CA TYR C 114 17.45 -3.85 29.20
C TYR C 114 16.90 -4.93 28.27
N HIS C 115 17.77 -5.50 27.45
CA HIS C 115 17.45 -6.58 26.51
C HIS C 115 16.19 -6.28 25.72
N LEU C 116 16.12 -5.07 25.16
CA LEU C 116 14.98 -4.67 24.37
C LEU C 116 14.95 -5.52 23.09
N ASN C 117 13.74 -5.88 22.68
CA ASN C 117 13.49 -6.82 21.58
C ASN C 117 13.45 -6.06 20.25
N LYS C 118 14.39 -6.36 19.36
CA LYS C 118 14.47 -5.68 18.06
C LYS C 118 13.24 -5.91 17.17
N ASN C 119 12.40 -6.88 17.53
CA ASN C 119 11.13 -7.06 16.82
C ASN C 119 9.97 -6.22 17.35
N ALA C 120 10.18 -5.49 18.43
CA ALA C 120 9.11 -4.66 19.00
C ALA C 120 8.91 -3.39 18.20
N LYS C 121 7.69 -2.86 18.20
CA LYS C 121 7.38 -1.54 17.66
C LYS C 121 7.83 -0.44 18.61
N VAL C 122 8.64 0.49 18.09
CA VAL C 122 9.13 1.62 18.86
C VAL C 122 8.51 2.91 18.33
N ILE C 123 8.10 3.80 19.22
CA ILE C 123 7.77 5.17 18.80
C ILE C 123 8.62 6.14 19.61
N VAL C 124 9.33 7.02 18.90
CA VAL C 124 10.16 8.03 19.54
C VAL C 124 9.35 9.32 19.44
N HIS C 125 9.12 9.98 20.56
CA HIS C 125 8.48 11.30 20.55
C HIS C 125 9.54 12.39 20.65
N GLY C 126 9.68 13.18 19.60
CA GLY C 126 10.66 14.24 19.51
C GLY C 126 11.60 14.14 18.32
N SER C 127 12.24 15.27 17.98
CA SER C 127 13.05 15.36 16.78
C SER C 127 14.38 16.11 17.02
N GLY C 128 14.60 16.50 18.27
CA GLY C 128 15.75 17.27 18.72
C GLY C 128 16.29 16.70 20.02
N GLY C 129 17.27 17.41 20.58
CA GLY C 129 18.07 16.92 21.69
C GLY C 129 18.69 15.56 21.39
N MET C 130 18.28 14.60 22.21
CA MET C 130 18.77 13.23 22.08
C MET C 130 18.13 12.43 20.94
N ALA C 131 17.23 12.99 20.14
CA ALA C 131 16.41 12.17 19.25
C ALA C 131 17.25 11.42 18.23
N LYS C 132 18.20 12.11 17.62
CA LYS C 132 19.00 11.48 16.59
C LYS C 132 19.88 10.39 17.16
N ALA C 133 20.53 10.62 18.30
CA ALA C 133 21.22 9.55 19.01
C ALA C 133 20.34 8.31 19.26
N VAL C 134 19.13 8.54 19.78
CA VAL C 134 18.21 7.45 20.10
C VAL C 134 17.84 6.66 18.84
N VAL C 135 17.45 7.39 17.82
CA VAL C 135 16.95 6.79 16.56
C VAL C 135 18.08 5.98 15.94
N ALA C 136 19.29 6.52 15.89
CA ALA C 136 20.47 5.83 15.33
C ALA C 136 20.86 4.60 16.14
N ALA C 137 20.79 4.69 17.46
CA ALA C 137 21.07 3.56 18.32
C ALA C 137 20.09 2.44 18.11
N PHE C 138 18.79 2.74 17.98
CA PHE C 138 17.82 1.68 17.73
C PHE C 138 18.11 1.07 16.35
N LYS C 139 18.41 1.93 15.37
CA LYS C 139 18.61 1.46 14.01
C LYS C 139 19.82 0.56 13.96
N ASN C 140 20.92 0.99 14.56
CA ASN C 140 22.10 0.13 14.52
C ASN C 140 22.10 -1.05 15.49
N SER C 141 21.08 -1.12 16.34
CA SER C 141 20.84 -2.31 17.14
C SER C 141 19.90 -3.30 16.45
N GLY C 142 19.58 -3.06 15.18
CA GLY C 142 18.70 -3.95 14.42
C GLY C 142 17.20 -3.74 14.44
N PHE C 143 16.70 -2.63 14.97
CA PHE C 143 15.27 -2.36 15.07
C PHE C 143 14.83 -1.80 13.73
N GLU C 144 13.82 -2.41 13.10
CA GLU C 144 13.28 -1.88 11.84
C GLU C 144 11.89 -1.30 11.99
N LYS C 145 11.25 -1.50 13.15
CA LYS C 145 9.91 -1.00 13.35
C LYS C 145 9.87 0.22 14.28
N LEU C 146 10.20 1.37 13.72
CA LEU C 146 10.31 2.60 14.53
C LEU C 146 9.62 3.71 13.77
N LYS C 147 8.77 4.45 14.49
CA LYS C 147 8.19 5.69 13.99
C LYS C 147 8.56 6.89 14.84
N ILE C 148 8.84 7.98 14.15
CA ILE C 148 9.11 9.25 14.80
C ILE C 148 7.86 10.09 14.79
N TYR C 149 7.49 10.54 15.99
CA TYR C 149 6.33 11.35 16.24
C TYR C 149 6.89 12.68 16.75
N ALA C 150 6.60 13.80 16.11
CA ALA C 150 7.18 15.06 16.57
C ALA C 150 6.42 16.27 16.07
N ARG C 151 6.50 17.36 16.82
CA ARG C 151 5.92 18.62 16.38
C ARG C 151 6.53 19.07 15.05
N ASN C 152 7.85 19.10 15.01
CA ASN C 152 8.60 19.69 13.91
C ASN C 152 8.61 18.77 12.71
N VAL C 153 7.71 19.04 11.78
CA VAL C 153 7.49 18.18 10.64
C VAL C 153 8.72 18.03 9.77
N LYS C 154 9.43 19.11 9.49
CA LYS C 154 10.53 19.02 8.53
C LYS C 154 11.66 18.21 9.18
N THR C 155 11.91 18.47 10.45
CA THR C 155 13.00 17.83 11.18
C THR C 155 12.66 16.36 11.46
N GLY C 156 11.42 16.09 11.85
CA GLY C 156 10.99 14.70 12.00
C GLY C 156 11.04 13.87 10.73
N GLN C 157 10.64 14.50 9.63
CA GLN C 157 10.68 13.86 8.33
C GLN C 157 12.11 13.54 7.92
N TYR C 158 13.04 14.46 8.16
CA TYR C 158 14.42 14.27 7.77
C TYR C 158 15.08 13.15 8.59
N LEU C 159 14.80 13.10 9.89
CA LEU C 159 15.33 12.03 10.75
C LEU C 159 14.81 10.67 10.28
N ALA C 160 13.54 10.66 9.90
CA ALA C 160 12.92 9.45 9.41
C ALA C 160 13.61 9.03 8.12
N ALA C 161 13.80 9.97 7.20
CA ALA C 161 14.48 9.67 5.94
C ALA C 161 15.90 9.20 6.16
N LEU C 162 16.63 9.85 7.08
CA LEU C 162 18.02 9.50 7.32
C LEU C 162 18.25 8.03 7.68
N TYR C 163 17.37 7.52 8.53
CA TYR C 163 17.50 6.20 9.15
C TYR C 163 16.52 5.17 8.62
N GLY C 164 15.86 5.46 7.51
CA GLY C 164 14.93 4.51 6.90
C GLY C 164 13.69 4.21 7.72
N TYR C 165 13.21 5.16 8.51
CA TYR C 165 12.03 4.94 9.33
C TYR C 165 10.83 5.76 8.83
N ALA C 166 9.70 5.68 9.54
CA ALA C 166 8.51 6.43 9.18
C ALA C 166 8.27 7.60 10.12
N TYR C 167 7.78 8.69 9.55
CA TYR C 167 7.39 9.85 10.37
C TYR C 167 5.87 9.91 10.45
N ILE C 168 5.36 10.20 11.64
CA ILE C 168 3.94 10.41 11.89
C ILE C 168 3.71 11.71 12.66
N ASN C 169 2.63 12.39 12.31
CA ASN C 169 2.28 13.69 12.89
C ASN C 169 1.32 13.56 14.06
N SER C 170 0.73 12.39 14.23
CA SER C 170 -0.12 12.12 15.39
C SER C 170 -0.12 10.65 15.73
N LEU C 171 -0.58 10.31 16.93
CA LEU C 171 -0.58 8.92 17.40
C LEU C 171 -1.86 8.17 17.05
N GLU C 172 -2.75 8.79 16.28
CA GLU C 172 -4.06 8.18 16.09
C GLU C 172 -3.95 6.77 15.51
N ASN C 173 -4.54 5.81 16.20
CA ASN C 173 -4.65 4.43 15.72
C ASN C 173 -3.28 3.75 15.61
N GLN C 174 -2.33 4.22 16.42
CA GLN C 174 -0.99 3.65 16.45
C GLN C 174 -0.89 2.77 17.69
N GLN C 175 -0.08 1.73 17.60
CA GLN C 175 0.20 0.86 18.74
C GLN C 175 1.71 0.68 18.86
N ALA C 176 2.24 0.51 20.07
CA ALA C 176 3.68 0.36 20.20
C ALA C 176 4.09 -0.19 21.56
N ASP C 177 5.16 -0.96 21.53
CA ASP C 177 5.69 -1.66 22.69
C ASP C 177 6.72 -0.84 23.48
N ILE C 178 7.50 -0.03 22.77
CA ILE C 178 8.57 0.75 23.41
C ILE C 178 8.34 2.21 23.06
N LEU C 179 8.19 3.03 24.09
CA LEU C 179 7.80 4.43 23.97
C LEU C 179 9.00 5.22 24.46
N VAL C 180 9.56 6.06 23.62
CA VAL C 180 10.75 6.82 23.99
C VAL C 180 10.44 8.30 23.92
N ASN C 181 10.64 9.03 25.00
CA ASN C 181 10.45 10.47 25.01
C ASN C 181 11.79 11.17 24.86
N VAL C 182 11.96 11.91 23.78
CA VAL C 182 13.12 12.79 23.62
C VAL C 182 12.71 14.25 23.44
N THR C 183 11.56 14.62 23.99
CA THR C 183 11.13 16.03 24.04
C THR C 183 11.41 16.64 25.40
N SER C 184 11.15 17.93 25.54
CA SER C 184 11.30 18.60 26.84
C SER C 184 10.07 18.43 27.75
N ILE C 185 9.07 17.69 27.26
CA ILE C 185 7.94 17.33 28.09
C ILE C 185 8.42 16.60 29.33
N GLY C 186 8.00 17.12 30.49
CA GLY C 186 8.36 16.58 31.78
C GLY C 186 9.58 17.16 32.45
N MET C 187 10.29 18.04 31.77
CA MET C 187 11.52 18.63 32.30
C MET C 187 11.17 19.65 33.36
N LYS C 188 11.77 19.53 34.54
CA LYS C 188 11.64 20.57 35.56
C LYS C 188 11.96 21.93 34.93
N GLY C 189 11.15 22.93 35.23
CA GLY C 189 11.33 24.27 34.66
C GLY C 189 10.48 24.50 33.44
N GLY C 190 10.59 23.64 32.43
CA GLY C 190 9.89 23.84 31.18
C GLY C 190 8.39 24.10 31.29
N LYS C 191 7.85 24.68 30.23
CA LYS C 191 6.42 24.96 30.11
C LYS C 191 5.59 23.67 30.19
N GLU C 192 6.17 22.56 29.75
CA GLU C 192 5.47 21.27 29.71
C GLU C 192 5.88 20.31 30.84
N GLU C 193 6.31 20.84 31.98
CA GLU C 193 6.78 20.04 33.12
C GLU C 193 5.80 19.00 33.67
N MET C 194 4.53 19.36 33.71
CA MET C 194 3.49 18.55 34.31
C MET C 194 2.81 17.68 33.27
N ASP C 195 3.20 17.81 32.01
CA ASP C 195 2.52 17.11 30.92
C ASP C 195 3.07 15.69 30.73
N LEU C 196 2.21 14.85 30.14
CA LEU C 196 2.58 13.51 29.71
C LEU C 196 3.22 13.43 28.31
N ALA C 197 4.37 12.75 28.25
CA ALA C 197 5.08 12.61 26.98
C ALA C 197 4.33 11.68 26.03
N PHE C 198 3.59 10.73 26.59
CA PHE C 198 2.69 9.87 25.84
C PHE C 198 1.37 9.78 26.61
N PRO C 199 0.23 9.67 25.93
CA PRO C 199 -1.04 9.51 26.65
C PRO C 199 -1.11 8.23 27.49
N LYS C 200 -1.84 8.28 28.60
CA LYS C 200 -2.02 7.15 29.49
C LYS C 200 -2.42 5.87 28.75
N ALA C 201 -3.31 5.99 27.78
CA ALA C 201 -3.84 4.82 27.06
C ALA C 201 -2.74 4.13 26.28
N PHE C 202 -1.85 4.97 25.76
CA PHE C 202 -0.73 4.46 24.98
C PHE C 202 0.27 3.72 25.87
N ILE C 203 0.50 4.28 27.06
CA ILE C 203 1.46 3.72 28.00
C ILE C 203 0.90 2.38 28.45
N ASP C 204 -0.42 2.28 28.56
CA ASP C 204 -1.01 1.02 29.00
C ASP C 204 -0.81 -0.14 28.03
N ASN C 205 -0.77 0.17 26.74
CA ASN C 205 -0.57 -0.83 25.71
C ASN C 205 0.90 -1.06 25.36
N ALA C 206 1.80 -0.34 26.03
CA ALA C 206 3.23 -0.51 25.78
C ALA C 206 3.78 -1.47 26.83
N SER C 207 5.03 -1.88 26.66
CA SER C 207 5.72 -2.64 27.70
C SER C 207 6.95 -1.94 28.28
N VAL C 208 7.52 -0.97 27.56
CA VAL C 208 8.65 -0.22 28.11
C VAL C 208 8.52 1.29 27.88
N ALA C 209 8.79 2.08 28.90
CA ALA C 209 8.79 3.55 28.82
C ALA C 209 10.22 4.01 29.06
N PHE C 210 10.80 4.76 28.12
CA PHE C 210 12.20 5.18 28.16
C PHE C 210 12.09 6.69 28.03
N ASP C 211 12.42 7.42 29.10
CA ASP C 211 12.31 8.87 29.06
C ASP C 211 13.72 9.41 29.20
N VAL C 212 14.16 10.21 28.23
CA VAL C 212 15.52 10.78 28.29
C VAL C 212 15.60 11.96 29.24
N VAL C 213 14.45 12.49 29.64
CA VAL C 213 14.44 13.58 30.61
C VAL C 213 15.06 13.05 31.89
N ALA C 214 16.01 13.79 32.46
CA ALA C 214 16.81 13.35 33.59
C ALA C 214 16.40 14.02 34.91
N MET C 215 15.80 15.20 34.83
CA MET C 215 15.37 15.95 36.01
C MET C 215 13.93 16.44 35.79
N PRO C 216 12.96 15.91 36.55
CA PRO C 216 13.13 14.88 37.56
C PRO C 216 13.24 13.50 36.92
N VAL C 217 13.70 12.50 37.67
CA VAL C 217 13.59 11.10 37.27
C VAL C 217 12.13 10.73 37.02
N GLU C 218 11.28 11.10 37.98
CA GLU C 218 9.87 10.72 38.00
C GLU C 218 8.99 11.74 37.28
N THR C 219 9.17 11.80 35.98
CA THR C 219 8.31 12.56 35.09
C THR C 219 6.92 11.92 35.11
N PRO C 220 5.90 12.64 34.67
CA PRO C 220 4.56 12.05 34.58
C PRO C 220 4.50 10.73 33.82
N PHE C 221 5.18 10.68 32.67
CA PHE C 221 5.37 9.49 31.85
C PHE C 221 5.95 8.33 32.63
N ILE C 222 7.07 8.55 33.34
CA ILE C 222 7.69 7.46 34.07
C ILE C 222 6.82 7.00 35.26
N ARG C 223 6.21 7.95 35.97
CA ARG C 223 5.40 7.67 37.16
C ARG C 223 4.23 6.80 36.75
N TYR C 224 3.57 7.17 35.65
CA TYR C 224 2.43 6.41 35.14
C TYR C 224 2.82 5.02 34.65
N ALA C 225 3.96 4.88 33.97
CA ALA C 225 4.44 3.56 33.57
C ALA C 225 4.74 2.69 34.80
N GLN C 226 5.28 3.30 35.85
CA GLN C 226 5.60 2.56 37.08
C GLN C 226 4.34 2.09 37.79
N ALA C 227 3.31 2.93 37.79
CA ALA C 227 2.00 2.61 38.34
C ALA C 227 1.35 1.47 37.58
N ARG C 228 1.67 1.33 36.29
CA ARG C 228 1.12 0.25 35.45
C ARG C 228 2.05 -0.95 35.27
N GLY C 229 3.15 -1.01 36.02
CA GLY C 229 4.03 -2.18 36.02
C GLY C 229 4.97 -2.32 34.85
N LYS C 230 5.15 -1.26 34.07
CA LYS C 230 5.95 -1.33 32.85
C LYS C 230 7.42 -1.19 33.20
N GLN C 231 8.28 -1.70 32.32
CA GLN C 231 9.72 -1.53 32.50
C GLN C 231 10.04 -0.08 32.19
N THR C 232 10.81 0.58 33.04
CA THR C 232 11.21 1.95 32.72
C THR C 232 12.73 2.10 32.61
N ILE C 233 13.14 3.06 31.79
CA ILE C 233 14.55 3.46 31.65
C ILE C 233 14.50 4.98 31.72
N SER C 234 15.32 5.55 32.61
CA SER C 234 15.26 6.94 33.00
C SER C 234 16.44 7.68 32.36
N GLY C 235 16.26 8.97 32.11
CA GLY C 235 17.30 9.78 31.50
C GLY C 235 18.49 9.98 32.43
N ALA C 236 18.29 9.78 33.73
CA ALA C 236 19.41 9.84 34.66
C ALA C 236 20.44 8.75 34.38
N ALA C 237 20.02 7.56 33.95
CA ALA C 237 20.98 6.54 33.51
C ALA C 237 21.76 6.90 32.25
N VAL C 238 21.11 7.63 31.34
CA VAL C 238 21.78 8.10 30.13
C VAL C 238 22.88 9.11 30.45
N ILE C 239 22.56 10.06 31.32
CA ILE C 239 23.51 11.12 31.62
C ILE C 239 24.69 10.52 32.36
N VAL C 240 24.43 9.58 33.27
CA VAL C 240 25.54 9.01 34.02
C VAL C 240 26.36 8.13 33.09
N LEU C 241 25.71 7.28 32.32
CA LEU C 241 26.48 6.43 31.42
C LEU C 241 27.29 7.22 30.38
N GLN C 242 26.75 8.31 29.79
CA GLN C 242 27.43 9.20 28.83
C GLN C 242 28.73 9.66 29.48
N ALA C 243 28.61 10.08 30.74
CA ALA C 243 29.71 10.73 31.46
C ALA C 243 30.80 9.74 31.86
N VAL C 244 30.36 8.53 32.21
CA VAL C 244 31.28 7.45 32.55
C VAL C 244 32.11 7.06 31.33
N GLU C 245 31.49 6.95 30.16
CA GLU C 245 32.21 6.68 28.91
C GLU C 245 33.24 7.77 28.63
N GLN C 246 32.90 9.03 28.85
CA GLN C 246 33.87 10.12 28.68
C GLN C 246 35.05 9.96 29.65
N PHE C 247 34.75 9.71 30.92
CA PHE C 247 35.73 9.55 31.98
C PHE C 247 36.71 8.44 31.61
N GLU C 248 36.18 7.35 31.07
CA GLU C 248 36.99 6.19 30.68
C GLU C 248 37.88 6.53 29.49
N LEU C 249 37.34 7.29 28.54
CA LEU C 249 38.12 7.72 27.40
C LEU C 249 39.28 8.64 27.80
N TYR C 250 39.05 9.52 28.78
CA TYR C 250 40.03 10.50 29.19
C TYR C 250 41.14 9.89 30.06
N THR C 251 40.75 9.00 30.97
CA THR C 251 41.64 8.51 32.04
C THR C 251 42.06 7.07 31.85
N HIS C 252 41.40 6.31 30.98
CA HIS C 252 41.62 4.87 30.85
C HIS C 252 41.27 4.07 32.11
N GLN C 253 40.52 4.69 33.01
CA GLN C 253 40.05 4.02 34.22
C GLN C 253 38.53 3.86 34.25
N ARG C 254 38.09 2.68 34.68
CA ARG C 254 36.68 2.32 34.70
C ARG C 254 36.27 2.28 36.17
N PRO C 255 35.54 3.28 36.65
CA PRO C 255 35.05 3.24 38.03
C PRO C 255 34.02 2.11 38.19
N SER C 256 33.93 1.56 39.39
CA SER C 256 32.99 0.49 39.69
C SER C 256 31.57 1.04 39.67
N ASP C 257 30.58 0.17 39.57
CA ASP C 257 29.20 0.64 39.60
C ASP C 257 28.88 1.37 40.90
N GLU C 258 29.41 0.86 42.00
CA GLU C 258 29.21 1.46 43.32
C GLU C 258 29.80 2.87 43.37
N LEU C 259 31.00 3.03 42.82
CA LEU C 259 31.62 4.36 42.82
C LEU C 259 30.88 5.33 41.92
N ILE C 260 30.44 4.84 40.77
CA ILE C 260 29.71 5.67 39.82
C ILE C 260 28.43 6.14 40.50
N ALA C 261 27.72 5.24 41.19
CA ALA C 261 26.49 5.64 41.88
C ALA C 261 26.73 6.69 42.97
N GLU C 262 27.83 6.52 43.70
CA GLU C 262 28.23 7.47 44.72
C GLU C 262 28.54 8.86 44.13
N ALA C 263 29.38 8.88 43.10
CA ALA C 263 29.68 10.10 42.38
C ALA C 263 28.45 10.81 41.82
N ALA C 264 27.56 10.05 41.21
CA ALA C 264 26.35 10.60 40.61
C ALA C 264 25.42 11.20 41.66
N ALA C 265 25.29 10.53 42.80
CA ALA C 265 24.44 11.03 43.87
C ALA C 265 24.99 12.37 44.36
N PHE C 266 26.31 12.41 44.56
CA PHE C 266 26.98 13.61 45.04
C PHE C 266 26.78 14.78 44.08
N ALA C 267 26.93 14.50 42.78
CA ALA C 267 26.85 15.49 41.71
C ALA C 267 25.43 16.02 41.50
N ARG C 268 24.42 15.24 41.86
CA ARG C 268 23.03 15.63 41.62
C ARG C 268 22.61 16.74 42.57
N THR C 269 23.17 16.70 43.78
CA THR C 269 22.98 17.73 44.79
C THR C 269 23.29 19.12 44.23
N LYS C 270 22.23 19.90 44.01
CA LYS C 270 22.28 21.24 43.44
C LYS C 270 23.41 22.12 43.98
N MET D 1 -40.88 -28.83 -47.78
CA MET D 1 -39.78 -28.26 -46.94
C MET D 1 -39.91 -28.98 -45.60
N ILE D 2 -40.71 -28.48 -44.67
CA ILE D 2 -40.72 -29.07 -43.33
C ILE D 2 -41.28 -30.49 -43.37
N ASN D 3 -40.65 -31.41 -42.64
CA ASN D 3 -41.17 -32.76 -42.48
C ASN D 3 -41.13 -33.18 -41.02
N LYS D 4 -41.59 -34.40 -40.72
CA LYS D 4 -41.69 -34.86 -39.34
C LYS D 4 -40.33 -34.99 -38.64
N ASP D 5 -39.29 -35.21 -39.42
CA ASP D 5 -37.91 -35.29 -38.90
C ASP D 5 -37.15 -33.99 -38.81
N THR D 6 -37.73 -32.88 -39.28
CA THR D 6 -37.08 -31.58 -39.16
C THR D 6 -36.89 -31.30 -37.67
N GLN D 7 -35.69 -30.91 -37.27
CA GLN D 7 -35.41 -30.49 -35.91
C GLN D 7 -35.71 -29.01 -35.72
N LEU D 8 -36.30 -28.67 -34.59
CA LEU D 8 -36.57 -27.27 -34.27
C LEU D 8 -35.47 -26.78 -33.34
N CYS D 9 -34.89 -25.64 -33.69
CA CYS D 9 -34.13 -24.84 -32.74
C CYS D 9 -34.89 -23.52 -32.56
N MET D 10 -34.63 -22.91 -31.42
CA MET D 10 -35.42 -21.74 -31.03
C MET D 10 -34.66 -20.85 -30.08
N SER D 11 -35.34 -19.76 -29.75
CA SER D 11 -34.91 -18.87 -28.68
C SER D 11 -36.08 -18.53 -27.75
N LEU D 12 -35.73 -18.15 -26.53
CA LEU D 12 -36.71 -17.65 -25.57
C LEU D 12 -36.22 -16.33 -25.03
N SER D 13 -37.05 -15.29 -25.10
CA SER D 13 -36.66 -13.95 -24.64
C SER D 13 -37.91 -13.14 -24.35
N GLY D 14 -37.77 -12.09 -23.56
CA GLY D 14 -38.91 -11.26 -23.23
C GLY D 14 -39.36 -10.48 -24.45
N ARG D 15 -38.41 -10.12 -25.29
CA ARG D 15 -38.72 -9.26 -26.44
C ARG D 15 -37.95 -9.79 -27.63
N PRO D 16 -38.50 -10.82 -28.29
CA PRO D 16 -37.79 -11.41 -29.43
C PRO D 16 -37.59 -10.43 -30.58
N SER D 17 -36.49 -10.70 -31.29
CA SER D 17 -36.14 -9.97 -32.48
C SER D 17 -36.12 -10.99 -33.63
N ASN D 18 -35.98 -10.51 -34.86
CA ASN D 18 -35.95 -11.38 -36.03
C ASN D 18 -34.54 -11.77 -36.48
N PHE D 19 -33.52 -11.24 -35.81
CA PHE D 19 -32.16 -11.58 -36.21
C PHE D 19 -31.90 -13.10 -36.22
N GLY D 20 -32.07 -13.78 -35.10
CA GLY D 20 -31.66 -15.16 -35.03
C GLY D 20 -32.49 -16.03 -35.95
N THR D 21 -33.77 -15.73 -36.06
CA THR D 21 -34.69 -16.52 -36.89
C THR D 21 -34.24 -16.36 -38.35
N THR D 22 -33.95 -15.14 -38.77
CA THR D 22 -33.42 -14.96 -40.13
C THR D 22 -32.08 -15.63 -40.36
N PHE D 23 -31.14 -15.43 -39.45
CA PHE D 23 -29.77 -15.91 -39.54
C PHE D 23 -29.70 -17.42 -39.59
N HIS D 24 -30.33 -18.09 -38.62
CA HIS D 24 -30.26 -19.55 -38.59
C HIS D 24 -30.98 -20.23 -39.76
N ASN D 25 -32.18 -19.78 -40.10
CA ASN D 25 -32.88 -20.40 -41.22
C ASN D 25 -32.13 -20.24 -42.56
N TYR D 26 -31.51 -19.09 -42.74
CA TYR D 26 -30.72 -18.85 -43.96
C TYR D 26 -29.60 -19.89 -44.06
N LEU D 27 -28.88 -20.11 -42.96
CA LEU D 27 -27.82 -21.10 -42.91
C LEU D 27 -28.34 -22.52 -43.08
N TYR D 28 -29.47 -22.86 -42.46
CA TYR D 28 -30.02 -24.19 -42.67
C TYR D 28 -30.33 -24.44 -44.14
N ASP D 29 -30.84 -23.42 -44.82
CA ASP D 29 -31.24 -23.52 -46.22
C ASP D 29 -29.96 -23.69 -47.05
N LYS D 30 -28.97 -22.84 -46.84
CA LYS D 30 -27.75 -22.85 -47.65
C LYS D 30 -26.90 -24.09 -47.39
N LEU D 31 -27.00 -24.68 -46.21
CA LEU D 31 -26.25 -25.89 -45.88
C LEU D 31 -27.02 -27.20 -46.09
N GLY D 32 -28.28 -27.12 -46.49
CA GLY D 32 -29.06 -28.32 -46.74
C GLY D 32 -29.42 -29.10 -45.48
N LEU D 33 -29.58 -28.41 -44.35
CA LEU D 33 -29.84 -29.05 -43.07
C LEU D 33 -31.33 -29.07 -42.80
N ASN D 34 -31.81 -30.17 -42.23
CA ASN D 34 -33.23 -30.37 -42.03
C ASN D 34 -33.60 -29.84 -40.65
N PHE D 35 -33.51 -28.51 -40.55
CA PHE D 35 -33.72 -27.78 -39.31
C PHE D 35 -34.57 -26.57 -39.65
N ILE D 36 -35.35 -26.11 -38.67
CA ILE D 36 -35.93 -24.77 -38.72
C ILE D 36 -35.70 -24.03 -37.42
N TYR D 37 -35.76 -22.70 -37.43
CA TYR D 37 -35.56 -21.93 -36.22
C TYR D 37 -36.73 -20.97 -36.04
N LYS D 38 -37.13 -20.77 -34.80
CA LYS D 38 -38.11 -19.72 -34.53
C LYS D 38 -37.90 -19.17 -33.12
N ALA D 39 -38.05 -17.85 -32.99
CA ALA D 39 -38.07 -17.18 -31.70
C ALA D 39 -39.44 -17.31 -31.03
N PHE D 40 -39.43 -17.58 -29.73
CA PHE D 40 -40.61 -17.69 -28.90
C PHE D 40 -40.46 -16.76 -27.71
N THR D 41 -41.59 -16.56 -27.06
CA THR D 41 -41.58 -15.92 -25.75
C THR D 41 -42.37 -16.77 -24.77
N THR D 42 -42.21 -16.44 -23.50
CA THR D 42 -42.92 -17.14 -22.44
C THR D 42 -43.05 -16.24 -21.21
N GLN D 43 -44.13 -16.52 -20.48
CA GLN D 43 -44.31 -16.00 -19.12
C GLN D 43 -44.09 -17.06 -18.04
N ASP D 44 -43.61 -18.24 -18.42
CA ASP D 44 -43.39 -19.35 -17.49
C ASP D 44 -42.14 -20.12 -17.90
N ILE D 45 -40.98 -19.60 -17.53
CA ILE D 45 -39.72 -20.24 -17.90
C ILE D 45 -39.64 -21.70 -17.49
N GLU D 46 -40.16 -22.05 -16.30
CA GLU D 46 -40.11 -23.45 -15.86
C GLU D 46 -40.74 -24.38 -16.89
N HIS D 47 -41.96 -24.08 -17.31
CA HIS D 47 -42.65 -25.01 -18.20
C HIS D 47 -42.19 -24.87 -19.65
N ALA D 48 -41.61 -23.71 -19.99
CA ALA D 48 -41.00 -23.53 -21.31
C ALA D 48 -39.78 -24.45 -21.42
N ILE D 49 -38.92 -24.49 -20.42
CA ILE D 49 -37.72 -25.33 -20.47
C ILE D 49 -38.10 -26.79 -20.43
N LYS D 50 -39.00 -27.15 -19.52
CA LYS D 50 -39.45 -28.53 -19.44
C LYS D 50 -40.15 -28.93 -20.74
N GLY D 51 -40.75 -27.97 -21.43
CA GLY D 51 -41.32 -28.18 -22.76
C GLY D 51 -40.31 -28.48 -23.86
N VAL D 52 -39.21 -27.73 -23.85
CA VAL D 52 -38.09 -27.96 -24.77
C VAL D 52 -37.66 -29.41 -24.61
N ARG D 53 -37.48 -29.87 -23.37
CA ARG D 53 -37.09 -31.26 -23.16
C ARG D 53 -38.12 -32.25 -23.66
N ALA D 54 -39.37 -32.08 -23.25
CA ALA D 54 -40.40 -33.07 -23.52
C ALA D 54 -40.74 -33.16 -25.01
N LEU D 55 -40.65 -32.04 -25.72
CA LEU D 55 -40.97 -32.02 -27.14
C LEU D 55 -39.80 -32.46 -28.02
N GLY D 56 -38.62 -32.64 -27.44
CA GLY D 56 -37.45 -33.00 -28.24
C GLY D 56 -36.96 -31.88 -29.13
N ILE D 57 -37.13 -30.64 -28.68
CA ILE D 57 -36.58 -29.47 -29.31
C ILE D 57 -35.06 -29.53 -29.12
N ARG D 58 -34.32 -29.29 -30.18
CA ARG D 58 -32.88 -29.51 -30.17
C ARG D 58 -32.07 -28.43 -29.48
N GLY D 59 -32.34 -27.16 -29.76
CA GLY D 59 -31.50 -26.11 -29.21
C GLY D 59 -32.35 -24.92 -28.88
N CYS D 60 -31.97 -24.20 -27.83
CA CYS D 60 -32.76 -23.05 -27.38
C CYS D 60 -31.80 -21.98 -26.87
N ALA D 61 -31.70 -20.86 -27.58
CA ALA D 61 -31.03 -19.68 -27.04
C ALA D 61 -31.87 -19.08 -25.93
N VAL D 62 -31.21 -18.41 -25.00
CA VAL D 62 -31.93 -17.82 -23.88
C VAL D 62 -31.48 -16.37 -23.76
N SER D 63 -32.41 -15.43 -23.72
CA SER D 63 -32.07 -14.04 -23.48
C SER D 63 -32.76 -13.54 -22.22
N MET D 64 -32.52 -12.28 -21.90
CA MET D 64 -33.23 -11.65 -20.81
C MET D 64 -34.73 -11.79 -21.05
N PRO D 65 -35.48 -11.98 -19.97
CA PRO D 65 -34.98 -12.04 -18.59
C PRO D 65 -34.79 -13.45 -18.02
N PHE D 66 -34.39 -14.41 -18.85
CA PHE D 66 -34.38 -15.82 -18.47
C PHE D 66 -33.02 -16.46 -18.29
N LYS D 67 -31.94 -15.70 -18.44
CA LYS D 67 -30.64 -16.39 -18.48
C LYS D 67 -30.23 -17.01 -17.13
N GLU D 68 -30.76 -16.49 -16.02
CA GLU D 68 -30.50 -17.08 -14.70
C GLU D 68 -31.68 -17.95 -14.27
N THR D 69 -32.90 -17.50 -14.51
CA THR D 69 -34.07 -18.26 -14.04
C THR D 69 -34.28 -19.58 -14.75
N CYS D 70 -33.65 -19.78 -15.90
CA CYS D 70 -33.73 -21.08 -16.55
C CYS D 70 -32.91 -22.16 -15.88
N MET D 71 -31.97 -21.77 -15.03
CA MET D 71 -30.89 -22.67 -14.67
C MET D 71 -31.28 -23.84 -13.76
N PRO D 72 -32.19 -23.63 -12.82
CA PRO D 72 -32.66 -24.72 -11.95
C PRO D 72 -33.20 -25.93 -12.71
N PHE D 73 -33.56 -25.73 -13.97
CA PHE D 73 -34.31 -26.73 -14.73
C PHE D 73 -33.45 -27.44 -15.76
N LEU D 74 -32.16 -27.12 -15.79
CA LEU D 74 -31.21 -27.76 -16.69
C LEU D 74 -30.49 -28.90 -15.96
N ASP D 75 -30.02 -29.84 -16.77
CA ASP D 75 -29.28 -31.01 -16.30
C ASP D 75 -27.77 -30.84 -16.10
N GLU D 76 -27.10 -30.00 -16.89
CA GLU D 76 -25.64 -29.87 -16.80
C GLU D 76 -25.22 -28.48 -17.26
N ILE D 77 -24.63 -27.72 -16.36
CA ILE D 77 -24.16 -26.37 -16.66
C ILE D 77 -22.68 -26.50 -17.01
N HIS D 78 -22.35 -26.09 -18.23
CA HIS D 78 -20.96 -26.18 -18.70
C HIS D 78 -20.13 -25.00 -18.24
N PRO D 79 -18.81 -25.11 -18.32
CA PRO D 79 -17.91 -24.12 -17.72
C PRO D 79 -18.17 -22.71 -18.22
N SER D 80 -18.52 -22.51 -19.49
CA SER D 80 -18.79 -21.16 -19.99
C SER D 80 -19.90 -20.48 -19.21
N ALA D 81 -20.93 -21.25 -18.88
CA ALA D 81 -22.09 -20.73 -18.18
C ALA D 81 -21.86 -20.73 -16.66
N GLN D 82 -21.15 -21.73 -16.13
CA GLN D 82 -20.69 -21.66 -14.75
C GLN D 82 -19.79 -20.46 -14.46
N ALA D 83 -19.00 -20.01 -15.44
CA ALA D 83 -18.02 -18.95 -15.21
C ALA D 83 -18.67 -17.62 -14.84
N ILE D 84 -19.90 -17.44 -15.34
CA ILE D 84 -20.64 -16.22 -15.03
C ILE D 84 -22.03 -16.51 -14.45
N GLU D 85 -22.28 -17.77 -14.13
CA GLU D 85 -23.57 -18.27 -13.63
C GLU D 85 -24.76 -17.70 -14.41
N SER D 86 -24.65 -17.84 -15.72
CA SER D 86 -25.65 -17.29 -16.63
C SER D 86 -25.64 -18.09 -17.91
N VAL D 87 -26.81 -18.51 -18.37
CA VAL D 87 -26.96 -19.38 -19.53
C VAL D 87 -27.62 -18.66 -20.71
N ASN D 88 -26.99 -18.72 -21.88
CA ASN D 88 -27.61 -18.19 -23.10
C ASN D 88 -27.85 -19.21 -24.21
N THR D 89 -27.47 -20.46 -23.96
CA THR D 89 -27.63 -21.55 -24.91
C THR D 89 -27.94 -22.86 -24.20
N ILE D 90 -28.94 -23.56 -24.71
CA ILE D 90 -29.34 -24.87 -24.23
C ILE D 90 -29.33 -25.88 -25.37
N VAL D 91 -28.70 -27.03 -25.14
CA VAL D 91 -28.61 -28.06 -26.18
C VAL D 91 -29.23 -29.31 -25.58
N ASN D 92 -30.21 -29.90 -26.28
CA ASN D 92 -30.98 -31.02 -25.81
C ASN D 92 -30.44 -32.29 -26.47
N ASP D 93 -29.72 -33.09 -25.68
CA ASP D 93 -29.15 -34.34 -26.14
C ASP D 93 -30.03 -35.44 -25.57
N ASN D 94 -30.98 -35.92 -26.37
CA ASN D 94 -31.91 -36.99 -26.00
C ASN D 94 -32.64 -36.80 -24.66
N GLY D 95 -33.02 -35.57 -24.34
CA GLY D 95 -33.63 -35.31 -23.04
C GLY D 95 -32.74 -34.71 -21.98
N PHE D 96 -31.44 -34.67 -22.21
CA PHE D 96 -30.48 -34.17 -21.21
C PHE D 96 -30.08 -32.76 -21.66
N LEU D 97 -30.52 -31.76 -20.91
CA LEU D 97 -30.29 -30.38 -21.28
C LEU D 97 -28.94 -29.88 -20.78
N ARG D 98 -28.05 -29.59 -21.73
CA ARG D 98 -26.75 -29.02 -21.41
C ARG D 98 -26.76 -27.52 -21.70
N ALA D 99 -26.11 -26.76 -20.83
CA ALA D 99 -26.17 -25.31 -20.88
C ALA D 99 -24.80 -24.71 -21.09
N TYR D 100 -24.75 -23.69 -21.94
CA TYR D 100 -23.56 -22.91 -22.27
C TYR D 100 -23.80 -21.41 -22.20
N ASN D 101 -22.68 -20.67 -22.24
CA ASN D 101 -22.73 -19.24 -22.48
C ASN D 101 -21.81 -18.80 -23.60
N THR D 102 -22.39 -18.65 -24.79
CA THR D 102 -21.56 -18.36 -25.95
C THR D 102 -21.10 -16.91 -26.03
N ASP D 103 -21.70 -16.01 -25.26
CA ASP D 103 -21.13 -14.68 -25.12
C ASP D 103 -19.75 -14.74 -24.49
N TYR D 104 -19.66 -15.49 -23.40
CA TYR D 104 -18.38 -15.73 -22.75
C TYR D 104 -17.47 -16.40 -23.74
N ILE D 105 -17.96 -17.36 -24.50
CA ILE D 105 -17.09 -18.11 -25.40
C ILE D 105 -16.55 -17.18 -26.48
N ALA D 106 -17.45 -16.35 -27.02
CA ALA D 106 -17.04 -15.47 -28.11
C ALA D 106 -15.99 -14.45 -27.62
N ILE D 107 -16.15 -13.94 -26.40
CA ILE D 107 -15.20 -12.96 -25.88
C ILE D 107 -13.83 -13.58 -25.67
N VAL D 108 -13.78 -14.82 -25.18
CA VAL D 108 -12.53 -15.55 -24.99
C VAL D 108 -11.81 -15.69 -26.33
N LYS D 109 -12.58 -16.07 -27.36
CA LYS D 109 -12.02 -16.20 -28.70
C LYS D 109 -11.53 -14.89 -29.27
N LEU D 110 -12.28 -13.81 -29.08
CA LEU D 110 -11.89 -12.49 -29.59
C LEU D 110 -10.59 -12.04 -28.91
N ILE D 111 -10.44 -12.28 -27.62
CA ILE D 111 -9.20 -11.94 -26.90
C ILE D 111 -8.01 -12.63 -27.54
N GLU D 112 -8.21 -13.87 -27.95
CA GLU D 112 -7.18 -14.70 -28.58
C GLU D 112 -6.90 -14.32 -30.04
N LYS D 113 -7.96 -14.20 -30.84
CA LYS D 113 -7.85 -13.76 -32.23
C LYS D 113 -7.03 -12.49 -32.37
N TYR D 114 -7.33 -11.50 -31.54
CA TYR D 114 -6.70 -10.18 -31.60
C TYR D 114 -5.39 -10.17 -30.81
N HIS D 115 -4.96 -11.36 -30.37
CA HIS D 115 -3.74 -11.57 -29.60
C HIS D 115 -3.56 -10.53 -28.51
N LEU D 116 -4.59 -10.34 -27.69
CA LEU D 116 -4.45 -9.42 -26.57
C LEU D 116 -3.46 -10.00 -25.56
N ASN D 117 -2.52 -9.18 -25.12
CA ASN D 117 -1.47 -9.60 -24.19
C ASN D 117 -1.89 -9.60 -22.72
N LYS D 118 -1.78 -10.75 -22.04
CA LYS D 118 -2.25 -10.89 -20.67
C LYS D 118 -1.54 -10.03 -19.61
N ASN D 119 -0.36 -9.52 -19.94
CA ASN D 119 0.38 -8.66 -19.01
C ASN D 119 -0.08 -7.21 -19.09
N ALA D 120 -0.96 -6.91 -20.04
CA ALA D 120 -1.38 -5.53 -20.28
C ALA D 120 -2.51 -5.11 -19.36
N LYS D 121 -2.58 -3.81 -19.13
CA LYS D 121 -3.58 -3.22 -18.24
C LYS D 121 -4.91 -3.01 -18.98
N VAL D 122 -5.98 -3.47 -18.35
CA VAL D 122 -7.34 -3.41 -18.88
C VAL D 122 -8.22 -2.57 -17.97
N ILE D 123 -9.07 -1.72 -18.56
CA ILE D 123 -10.16 -1.12 -17.80
C ILE D 123 -11.45 -1.44 -18.53
N VAL D 124 -12.41 -2.00 -17.80
CA VAL D 124 -13.77 -2.16 -18.29
C VAL D 124 -14.64 -1.05 -17.69
N HIS D 125 -15.36 -0.34 -18.56
CA HIS D 125 -16.34 0.64 -18.11
C HIS D 125 -17.73 0.02 -18.17
N GLY D 126 -18.31 -0.26 -17.00
CA GLY D 126 -19.70 -0.67 -16.90
C GLY D 126 -19.84 -1.90 -16.03
N SER D 127 -21.05 -2.14 -15.56
CA SER D 127 -21.31 -3.12 -14.53
C SER D 127 -22.36 -4.17 -14.89
N GLY D 128 -23.05 -3.95 -16.00
CA GLY D 128 -24.19 -4.76 -16.37
C GLY D 128 -24.06 -5.23 -17.80
N GLY D 129 -25.15 -5.73 -18.38
CA GLY D 129 -25.11 -6.26 -19.72
C GLY D 129 -24.08 -7.37 -19.80
N MET D 130 -23.09 -7.16 -20.67
CA MET D 130 -22.07 -8.16 -20.90
C MET D 130 -20.83 -8.08 -20.01
N ALA D 131 -20.91 -7.27 -18.97
CA ALA D 131 -19.77 -6.98 -18.10
C ALA D 131 -19.20 -8.28 -17.53
N LYS D 132 -20.08 -9.15 -17.05
CA LYS D 132 -19.65 -10.36 -16.38
C LYS D 132 -18.91 -11.26 -17.35
N ALA D 133 -19.46 -11.40 -18.56
CA ALA D 133 -18.87 -12.27 -19.55
C ALA D 133 -17.47 -11.76 -19.90
N VAL D 134 -17.36 -10.44 -19.99
CA VAL D 134 -16.14 -9.76 -20.43
C VAL D 134 -15.06 -9.97 -19.37
N VAL D 135 -15.42 -9.63 -18.14
CA VAL D 135 -14.51 -9.73 -17.00
C VAL D 135 -14.07 -11.18 -16.77
N ALA D 136 -14.98 -12.14 -16.82
CA ALA D 136 -14.59 -13.54 -16.65
C ALA D 136 -13.73 -14.08 -17.78
N ALA D 137 -14.02 -13.65 -19.01
CA ALA D 137 -13.20 -14.04 -20.14
C ALA D 137 -11.76 -13.54 -19.92
N PHE D 138 -11.63 -12.27 -19.54
CA PHE D 138 -10.31 -11.69 -19.30
C PHE D 138 -9.63 -12.43 -18.15
N LYS D 139 -10.35 -12.67 -17.05
CA LYS D 139 -9.80 -13.36 -15.88
C LYS D 139 -9.35 -14.76 -16.22
N ASN D 140 -10.14 -15.52 -16.99
CA ASN D 140 -9.78 -16.91 -17.25
C ASN D 140 -8.76 -17.05 -18.38
N SER D 141 -8.50 -15.95 -19.06
CA SER D 141 -7.45 -15.92 -20.07
C SER D 141 -6.17 -15.28 -19.49
N GLY D 142 -6.08 -15.21 -18.16
CA GLY D 142 -4.86 -14.92 -17.44
C GLY D 142 -4.76 -13.54 -16.83
N PHE D 143 -5.35 -12.55 -17.49
CA PHE D 143 -5.17 -11.14 -17.17
C PHE D 143 -5.36 -10.85 -15.68
N GLU D 144 -4.35 -10.33 -14.99
CA GLU D 144 -4.50 -10.05 -13.56
C GLU D 144 -4.60 -8.55 -13.31
N LYS D 145 -4.31 -7.77 -14.35
CA LYS D 145 -4.34 -6.30 -14.30
C LYS D 145 -5.55 -5.73 -15.02
N LEU D 146 -6.70 -5.85 -14.35
CA LEU D 146 -7.97 -5.33 -14.83
C LEU D 146 -8.66 -4.54 -13.74
N LYS D 147 -9.23 -3.39 -14.10
CA LYS D 147 -10.02 -2.58 -13.18
C LYS D 147 -11.40 -2.31 -13.77
N ILE D 148 -12.41 -2.29 -12.89
CA ILE D 148 -13.80 -2.06 -13.29
C ILE D 148 -14.14 -0.64 -12.88
N TYR D 149 -14.64 0.11 -13.85
CA TYR D 149 -15.02 1.50 -13.70
C TYR D 149 -16.51 1.51 -14.04
N ALA D 150 -17.33 2.03 -13.13
CA ALA D 150 -18.77 2.07 -13.35
C ALA D 150 -19.50 3.11 -12.51
N ARG D 151 -20.69 3.46 -12.97
CA ARG D 151 -21.51 4.47 -12.30
C ARG D 151 -22.21 3.89 -11.06
N ASN D 152 -22.64 2.64 -11.15
CA ASN D 152 -23.27 1.93 -10.03
C ASN D 152 -22.17 1.32 -9.16
N VAL D 153 -21.87 2.00 -8.06
CA VAL D 153 -20.76 1.62 -7.19
C VAL D 153 -21.02 0.23 -6.63
N LYS D 154 -22.25 -0.06 -6.19
CA LYS D 154 -22.53 -1.34 -5.55
C LYS D 154 -22.43 -2.53 -6.52
N THR D 155 -22.90 -2.37 -7.75
CA THR D 155 -22.74 -3.44 -8.74
C THR D 155 -21.31 -3.62 -9.21
N GLY D 156 -20.61 -2.50 -9.38
CA GLY D 156 -19.24 -2.50 -9.85
C GLY D 156 -18.34 -3.14 -8.80
N GLN D 157 -18.56 -2.79 -7.54
CA GLN D 157 -17.78 -3.36 -6.44
C GLN D 157 -18.00 -4.87 -6.42
N TYR D 158 -19.24 -5.30 -6.64
CA TYR D 158 -19.59 -6.71 -6.62
C TYR D 158 -18.90 -7.50 -7.72
N LEU D 159 -18.94 -6.98 -8.95
CA LEU D 159 -18.24 -7.60 -10.06
C LEU D 159 -16.74 -7.72 -9.76
N ALA D 160 -16.15 -6.63 -9.30
CA ALA D 160 -14.74 -6.63 -8.91
C ALA D 160 -14.46 -7.77 -7.94
N ALA D 161 -15.28 -7.86 -6.90
CA ALA D 161 -15.10 -8.86 -5.86
C ALA D 161 -15.23 -10.28 -6.37
N LEU D 162 -16.23 -10.57 -7.20
CA LEU D 162 -16.40 -11.90 -7.76
C LEU D 162 -15.13 -12.44 -8.42
N TYR D 163 -14.48 -11.57 -9.17
CA TYR D 163 -13.37 -11.96 -10.03
C TYR D 163 -11.99 -11.59 -9.52
N GLY D 164 -11.89 -11.10 -8.28
CA GLY D 164 -10.59 -10.76 -7.72
C GLY D 164 -9.89 -9.54 -8.29
N TYR D 165 -10.68 -8.59 -8.80
CA TYR D 165 -10.14 -7.40 -9.42
C TYR D 165 -10.44 -6.14 -8.63
N ALA D 166 -9.89 -5.01 -9.08
CA ALA D 166 -10.14 -3.75 -8.38
C ALA D 166 -11.31 -2.99 -8.99
N TYR D 167 -12.02 -2.27 -8.15
CA TYR D 167 -13.03 -1.31 -8.58
C TYR D 167 -12.52 0.14 -8.42
N ILE D 168 -12.89 0.99 -9.37
CA ILE D 168 -12.56 2.41 -9.34
C ILE D 168 -13.77 3.29 -9.70
N ASN D 169 -13.88 4.40 -8.98
CA ASN D 169 -14.92 5.42 -9.19
C ASN D 169 -14.54 6.45 -10.26
N SER D 170 -13.27 6.50 -10.62
CA SER D 170 -12.76 7.50 -11.55
C SER D 170 -11.56 7.01 -12.35
N LEU D 171 -11.24 7.73 -13.42
CA LEU D 171 -10.05 7.46 -14.22
C LEU D 171 -8.85 8.34 -13.85
N GLU D 172 -9.04 9.25 -12.90
CA GLU D 172 -7.95 10.07 -12.36
C GLU D 172 -6.63 9.32 -12.16
N ASN D 173 -5.59 9.77 -12.84
CA ASN D 173 -4.27 9.17 -12.74
C ASN D 173 -4.27 7.68 -13.06
N GLN D 174 -5.23 7.21 -13.85
CA GLN D 174 -5.18 5.83 -14.32
C GLN D 174 -4.62 5.88 -15.74
N GLN D 175 -3.96 4.80 -16.14
CA GLN D 175 -3.68 4.50 -17.54
C GLN D 175 -3.97 3.04 -17.82
N ALA D 176 -4.48 2.77 -19.02
CA ALA D 176 -4.79 1.40 -19.45
C ALA D 176 -4.53 1.20 -20.94
N ASP D 177 -4.01 0.04 -21.31
CA ASP D 177 -3.76 -0.32 -22.70
C ASP D 177 -4.99 -0.80 -23.46
N ILE D 178 -5.89 -1.51 -22.79
CA ILE D 178 -7.11 -2.08 -23.36
C ILE D 178 -8.32 -1.49 -22.64
N LEU D 179 -9.17 -0.80 -23.40
CA LEU D 179 -10.37 -0.16 -22.87
C LEU D 179 -11.61 -0.88 -23.39
N VAL D 180 -12.46 -1.31 -22.47
CA VAL D 180 -13.64 -2.09 -22.85
C VAL D 180 -14.88 -1.37 -22.33
N ASN D 181 -15.80 -1.10 -23.25
CA ASN D 181 -17.09 -0.53 -22.89
C ASN D 181 -18.16 -1.61 -22.79
N VAL D 182 -18.83 -1.70 -21.64
CA VAL D 182 -19.97 -2.60 -21.50
C VAL D 182 -21.20 -1.81 -21.04
N THR D 183 -21.10 -0.48 -21.03
CA THR D 183 -22.26 0.37 -20.75
C THR D 183 -23.08 0.54 -22.03
N SER D 184 -24.22 1.21 -21.88
CA SER D 184 -25.05 1.58 -23.02
C SER D 184 -24.75 3.00 -23.49
N ILE D 185 -23.63 3.57 -23.03
CA ILE D 185 -23.06 4.75 -23.68
C ILE D 185 -22.76 4.40 -25.13
N GLY D 186 -23.27 5.24 -26.03
CA GLY D 186 -23.04 5.13 -27.47
C GLY D 186 -24.11 4.37 -28.23
N MET D 187 -24.99 3.69 -27.51
CA MET D 187 -26.05 2.90 -28.12
C MET D 187 -27.10 3.83 -28.75
N LYS D 188 -27.49 3.53 -29.99
CA LYS D 188 -28.64 4.19 -30.60
C LYS D 188 -29.88 3.67 -29.89
N GLY D 189 -30.60 4.58 -29.24
CA GLY D 189 -31.76 4.26 -28.42
C GLY D 189 -31.74 5.07 -27.14
N GLY D 190 -30.56 5.28 -26.58
CA GLY D 190 -30.41 5.90 -25.27
C GLY D 190 -29.92 7.34 -25.31
N LYS D 191 -30.05 8.03 -24.18
CA LYS D 191 -29.67 9.44 -24.09
C LYS D 191 -28.16 9.64 -23.87
N GLU D 192 -27.39 8.55 -23.96
CA GLU D 192 -25.92 8.64 -23.93
C GLU D 192 -25.34 8.33 -25.31
N GLU D 193 -26.19 8.44 -26.34
CA GLU D 193 -25.81 8.10 -27.70
C GLU D 193 -24.50 8.71 -28.19
N MET D 194 -24.34 10.00 -27.92
CA MET D 194 -23.21 10.79 -28.42
C MET D 194 -22.02 10.88 -27.47
N ASP D 195 -22.21 10.46 -26.22
CA ASP D 195 -21.13 10.48 -25.25
C ASP D 195 -20.06 9.47 -25.61
N LEU D 196 -18.84 9.75 -25.15
CA LEU D 196 -17.68 8.88 -25.27
C LEU D 196 -17.59 7.94 -24.06
N ALA D 197 -17.35 6.66 -24.33
CA ALA D 197 -17.26 5.64 -23.27
C ALA D 197 -16.04 5.89 -22.39
N PHE D 198 -14.98 6.41 -23.01
CA PHE D 198 -13.78 6.88 -22.33
C PHE D 198 -13.36 8.21 -22.96
N PRO D 199 -12.89 9.15 -22.13
CA PRO D 199 -12.41 10.44 -22.66
C PRO D 199 -11.35 10.31 -23.73
N LYS D 200 -11.26 11.28 -24.65
CA LYS D 200 -10.32 11.21 -25.77
C LYS D 200 -8.88 10.97 -25.32
N ALA D 201 -8.49 11.72 -24.29
CA ALA D 201 -7.16 11.63 -23.71
C ALA D 201 -6.83 10.23 -23.19
N PHE D 202 -7.83 9.54 -22.66
CA PHE D 202 -7.67 8.16 -22.21
C PHE D 202 -7.47 7.21 -23.38
N ILE D 203 -8.21 7.41 -24.48
CA ILE D 203 -8.16 6.55 -25.66
C ILE D 203 -6.85 6.67 -26.41
N ASP D 204 -6.40 7.91 -26.61
CA ASP D 204 -5.16 8.15 -27.33
C ASP D 204 -3.96 7.56 -26.60
N ASN D 205 -4.03 7.41 -25.27
CA ASN D 205 -2.96 6.75 -24.55
C ASN D 205 -3.13 5.23 -24.48
N ALA D 206 -4.32 4.77 -24.86
CA ALA D 206 -4.59 3.34 -24.98
C ALA D 206 -4.04 2.72 -26.26
N SER D 207 -4.29 1.42 -26.40
CA SER D 207 -3.82 0.56 -27.48
C SER D 207 -4.97 -0.12 -28.25
N VAL D 208 -5.99 -0.54 -27.52
CA VAL D 208 -7.13 -1.32 -28.03
C VAL D 208 -8.43 -0.77 -27.46
N ALA D 209 -9.40 -0.50 -28.33
CA ALA D 209 -10.74 -0.11 -27.91
C ALA D 209 -11.71 -1.24 -28.22
N PHE D 210 -12.39 -1.77 -27.21
CA PHE D 210 -13.32 -2.88 -27.39
C PHE D 210 -14.69 -2.42 -26.89
N ASP D 211 -15.65 -2.28 -27.81
CA ASP D 211 -17.00 -1.81 -27.52
C ASP D 211 -18.00 -2.91 -27.87
N VAL D 212 -18.78 -3.29 -26.86
CA VAL D 212 -19.82 -4.31 -26.93
C VAL D 212 -21.10 -3.77 -27.56
N VAL D 213 -21.26 -2.45 -27.55
CA VAL D 213 -22.39 -1.81 -28.23
C VAL D 213 -22.35 -2.22 -29.71
N ALA D 214 -23.51 -2.60 -30.25
CA ALA D 214 -23.61 -3.13 -31.62
C ALA D 214 -24.46 -2.30 -32.57
N MET D 215 -25.39 -1.52 -32.04
CA MET D 215 -26.15 -0.53 -32.82
C MET D 215 -25.95 0.84 -32.17
N PRO D 216 -25.11 1.71 -32.73
CA PRO D 216 -24.46 1.55 -34.04
C PRO D 216 -23.09 0.88 -34.02
N VAL D 217 -22.68 0.36 -35.17
CA VAL D 217 -21.44 -0.40 -35.29
C VAL D 217 -20.23 0.53 -35.41
N GLU D 218 -20.47 1.84 -35.25
CA GLU D 218 -19.43 2.84 -35.05
C GLU D 218 -19.91 3.84 -33.98
N THR D 219 -19.58 3.57 -32.73
CA THR D 219 -19.93 4.46 -31.62
C THR D 219 -18.89 5.58 -31.59
N PRO D 220 -19.17 6.67 -30.88
CA PRO D 220 -18.19 7.75 -30.74
C PRO D 220 -16.84 7.21 -30.24
N PHE D 221 -16.90 6.29 -29.28
CA PHE D 221 -15.73 5.62 -28.72
C PHE D 221 -14.91 4.90 -29.80
N ILE D 222 -15.57 4.12 -30.65
CA ILE D 222 -14.88 3.38 -31.70
C ILE D 222 -14.35 4.31 -32.78
N ARG D 223 -15.17 5.28 -33.16
CA ARG D 223 -14.79 6.26 -34.19
C ARG D 223 -13.51 6.99 -33.82
N TYR D 224 -13.38 7.41 -32.56
CA TYR D 224 -12.20 8.14 -32.12
C TYR D 224 -10.97 7.23 -32.06
N ALA D 225 -11.14 6.01 -31.55
CA ALA D 225 -10.06 5.02 -31.52
C ALA D 225 -9.50 4.72 -32.90
N GLN D 226 -10.40 4.45 -33.85
CA GLN D 226 -10.05 4.18 -35.24
C GLN D 226 -9.23 5.33 -35.86
N ALA D 227 -9.70 6.55 -35.66
CA ALA D 227 -9.07 7.75 -36.24
C ALA D 227 -7.70 8.04 -35.65
N ARG D 228 -7.41 7.54 -34.45
CA ARG D 228 -6.09 7.69 -33.85
C ARG D 228 -5.21 6.45 -34.04
N GLY D 229 -5.60 5.58 -34.97
CA GLY D 229 -4.83 4.39 -35.30
C GLY D 229 -4.92 3.19 -34.38
N LYS D 230 -5.80 3.23 -33.39
CA LYS D 230 -5.88 2.16 -32.39
C LYS D 230 -6.57 0.92 -32.95
N GLN D 231 -6.23 -0.23 -32.40
CA GLN D 231 -6.87 -1.49 -32.75
C GLN D 231 -8.28 -1.47 -32.14
N THR D 232 -9.31 -1.80 -32.91
CA THR D 232 -10.69 -1.86 -32.41
C THR D 232 -11.34 -3.24 -32.58
N ILE D 233 -12.16 -3.61 -31.60
CA ILE D 233 -13.11 -4.72 -31.66
C ILE D 233 -14.51 -4.20 -31.33
N SER D 234 -15.49 -4.52 -32.19
CA SER D 234 -16.83 -3.96 -32.10
C SER D 234 -17.88 -5.00 -31.72
N GLY D 235 -19.03 -4.47 -31.32
CA GLY D 235 -20.11 -5.24 -30.74
C GLY D 235 -20.68 -6.24 -31.73
N ALA D 236 -20.55 -5.94 -33.01
CA ALA D 236 -21.09 -6.80 -34.07
C ALA D 236 -20.33 -8.11 -34.19
N ALA D 237 -19.02 -8.09 -33.98
CA ALA D 237 -18.27 -9.34 -34.09
C ALA D 237 -18.60 -10.25 -32.92
N VAL D 238 -19.04 -9.68 -31.79
CA VAL D 238 -19.45 -10.48 -30.65
C VAL D 238 -20.79 -11.17 -30.95
N ILE D 239 -21.74 -10.41 -31.46
CA ILE D 239 -23.09 -10.89 -31.76
C ILE D 239 -23.04 -12.04 -32.76
N VAL D 240 -22.29 -11.84 -33.85
CA VAL D 240 -22.16 -12.88 -34.85
C VAL D 240 -21.47 -14.13 -34.31
N LEU D 241 -20.37 -13.95 -33.58
CA LEU D 241 -19.63 -15.12 -33.15
C LEU D 241 -20.42 -15.96 -32.15
N GLN D 242 -21.14 -15.29 -31.25
CA GLN D 242 -21.87 -16.05 -30.26
C GLN D 242 -22.97 -16.84 -30.96
N ALA D 243 -23.60 -16.24 -31.97
CA ALA D 243 -24.62 -16.90 -32.78
C ALA D 243 -24.04 -18.06 -33.56
N VAL D 244 -22.85 -17.89 -34.15
CA VAL D 244 -22.20 -19.00 -34.82
C VAL D 244 -21.95 -20.16 -33.87
N GLU D 245 -21.48 -19.88 -32.65
CA GLU D 245 -21.22 -20.94 -31.67
C GLU D 245 -22.47 -21.74 -31.33
N GLN D 246 -23.62 -21.06 -31.21
CA GLN D 246 -24.89 -21.73 -30.96
C GLN D 246 -25.18 -22.66 -32.13
N PHE D 247 -25.10 -22.13 -33.34
CA PHE D 247 -25.31 -22.92 -34.55
C PHE D 247 -24.49 -24.21 -34.57
N GLU D 248 -23.23 -24.13 -34.20
CA GLU D 248 -22.35 -25.29 -34.19
C GLU D 248 -22.74 -26.28 -33.10
N LEU D 249 -23.13 -25.78 -31.93
CA LEU D 249 -23.58 -26.68 -30.87
C LEU D 249 -24.83 -27.47 -31.29
N TYR D 250 -25.75 -26.79 -31.96
CA TYR D 250 -27.01 -27.44 -32.33
C TYR D 250 -26.85 -28.48 -33.47
N THR D 251 -26.08 -28.12 -34.50
CA THR D 251 -25.99 -28.86 -35.75
C THR D 251 -24.74 -29.70 -35.92
N HIS D 252 -23.68 -29.38 -35.18
CA HIS D 252 -22.38 -30.01 -35.39
C HIS D 252 -21.82 -29.67 -36.77
N GLN D 253 -22.17 -28.51 -37.32
CA GLN D 253 -21.64 -28.06 -38.60
C GLN D 253 -21.15 -26.64 -38.41
N ARG D 254 -20.08 -26.34 -39.13
CA ARG D 254 -19.48 -25.01 -39.14
C ARG D 254 -19.70 -24.40 -40.51
N PRO D 255 -20.57 -23.40 -40.60
CA PRO D 255 -20.73 -22.69 -41.88
C PRO D 255 -19.46 -21.91 -42.22
N SER D 256 -19.22 -21.72 -43.51
CA SER D 256 -18.03 -20.99 -43.96
C SER D 256 -18.10 -19.57 -43.44
N ASP D 257 -16.96 -18.90 -43.33
CA ASP D 257 -16.97 -17.46 -43.03
C ASP D 257 -17.78 -16.64 -44.03
N GLU D 258 -17.73 -16.99 -45.31
CA GLU D 258 -18.50 -16.26 -46.31
C GLU D 258 -20.00 -16.35 -46.04
N LEU D 259 -20.46 -17.57 -45.78
CA LEU D 259 -21.89 -17.80 -45.54
C LEU D 259 -22.36 -17.14 -44.23
N ILE D 260 -21.52 -17.16 -43.21
CA ILE D 260 -21.82 -16.42 -41.97
C ILE D 260 -22.00 -14.93 -42.23
N ALA D 261 -21.08 -14.30 -42.96
CA ALA D 261 -21.21 -12.87 -43.22
C ALA D 261 -22.45 -12.57 -44.05
N GLU D 262 -22.75 -13.41 -45.03
CA GLU D 262 -23.97 -13.27 -45.83
C GLU D 262 -25.24 -13.36 -44.99
N ALA D 263 -25.29 -14.42 -44.19
CA ALA D 263 -26.41 -14.64 -43.28
C ALA D 263 -26.57 -13.47 -42.31
N ALA D 264 -25.47 -13.01 -41.74
CA ALA D 264 -25.50 -11.80 -40.90
C ALA D 264 -26.02 -10.55 -41.61
N ALA D 265 -25.50 -10.26 -42.81
CA ALA D 265 -25.96 -9.08 -43.55
C ALA D 265 -27.45 -9.14 -43.89
N PHE D 266 -27.94 -10.32 -44.25
CA PHE D 266 -29.36 -10.49 -44.55
C PHE D 266 -30.21 -10.31 -43.29
N ALA D 267 -29.76 -10.92 -42.21
CA ALA D 267 -30.48 -10.88 -40.95
C ALA D 267 -30.57 -9.47 -40.39
N ARG D 268 -29.54 -8.66 -40.63
CA ARG D 268 -29.58 -7.27 -40.18
C ARG D 268 -30.67 -6.47 -40.87
N THR D 269 -31.10 -6.85 -42.08
CA THR D 269 -32.11 -6.05 -42.76
C THR D 269 -33.50 -6.12 -42.13
N LYS D 270 -33.83 -7.22 -41.46
CA LYS D 270 -35.22 -7.49 -41.09
C LYS D 270 -35.38 -8.79 -40.31
C ACE E . -35.71 -10.66 8.56
O ACE E . -36.86 -10.13 8.47
CH3 ACE E . -34.91 -10.01 9.59
C ACE F . 44.75 8.41 23.78
O ACE F . 44.01 9.38 23.45
CH3 ACE F . 44.60 7.11 22.94
C ACE G . -32.56 -14.87 -31.19
O ACE G . -31.86 -15.88 -31.44
CH3 ACE G . -33.97 -14.98 -31.69
#